data_4XOH
#
_entry.id   4XOH
#
_cell.length_a   80.941
_cell.length_b   80.941
_cell.length_c   314.440
_cell.angle_alpha   90.00
_cell.angle_beta   90.00
_cell.angle_gamma   120.00
#
_symmetry.space_group_name_H-M   'P 31 2 1'
#
_entity_poly.entity_id   1
_entity_poly.type   'polypeptide(L)'
_entity_poly.pdbx_seq_one_letter_code
;GHMAPLPLGRFYIHLNSILNISISEVHSPIKIIVNTPTQNMQLPWQAVNGNNRLDHDFAFHVDDNFKVSFMFLDIPIEDK
SNGSKGVSATKDVSNGKPAETKSKAGGSTGSSGGSVVIKKVSGTATLNLGNVKDSCFGKAFNVEIPIISRGFLEAIPVKI
NSIGKRTLGNLTLTCLYIPELSVPEQELPFTLEQATMDLRHVRSNYLYNEGYLYRLEDSSIRRRFVVLRSKQLNFYAEKG
GQYLDTFQLSKTVVSIPMVNFSEAVSNLGLVAGILATSVDRRHVQLFADSKKVCQKWLQVMNSRSFALDRGTEKLWLQEY
VNFMA
;
_entity_poly.pdbx_strand_id   C,A,B
#
# COMPACT_ATOMS: atom_id res chain seq x y z
N GLY A 1 -1.05 27.42 29.42
CA GLY A 1 -1.93 28.28 30.18
C GLY A 1 -2.01 27.89 31.65
N HIS A 2 -3.11 28.27 32.30
CA HIS A 2 -3.30 27.97 33.71
C HIS A 2 -3.84 26.56 33.93
N MET A 3 -3.19 25.83 34.82
CA MET A 3 -3.63 24.48 35.17
C MET A 3 -3.87 24.38 36.68
N ALA A 4 -4.80 23.50 37.05
CA ALA A 4 -5.06 23.22 38.46
C ALA A 4 -3.83 22.54 39.05
N PRO A 5 -3.63 22.64 40.38
CA PRO A 5 -2.49 22.00 41.06
C PRO A 5 -2.32 20.54 40.63
N LEU A 6 -3.43 19.87 40.35
CA LEU A 6 -3.42 18.56 39.72
C LEU A 6 -4.17 18.71 38.40
N PRO A 7 -3.42 18.82 37.29
CA PRO A 7 -3.96 19.14 35.96
C PRO A 7 -5.20 18.35 35.59
N LEU A 8 -6.28 19.06 35.28
CA LEU A 8 -7.52 18.44 34.82
C LEU A 8 -7.65 18.64 33.32
N GLY A 9 -8.57 17.91 32.70
CA GLY A 9 -8.83 18.06 31.28
C GLY A 9 -9.82 17.06 30.73
N ARG A 10 -9.74 16.80 29.43
CA ARG A 10 -10.63 15.85 28.77
CA ARG A 10 -10.62 15.84 28.79
C ARG A 10 -9.82 14.74 28.09
N PHE A 11 -10.28 13.50 28.25
CA PHE A 11 -9.61 12.35 27.67
C PHE A 11 -10.57 11.59 26.77
N TYR A 12 -10.24 11.51 25.48
CA TYR A 12 -11.10 10.84 24.52
C TYR A 12 -10.52 9.48 24.14
N ILE A 13 -11.30 8.43 24.37
CA ILE A 13 -10.89 7.08 23.98
C ILE A 13 -11.82 6.55 22.91
N HIS A 14 -11.25 5.89 21.90
CA HIS A 14 -12.05 5.13 20.95
C HIS A 14 -11.49 3.74 20.75
N LEU A 15 -12.14 2.75 21.37
CA LEU A 15 -11.74 1.37 21.20
C LEU A 15 -11.88 0.97 19.74
N ASN A 16 -10.89 0.26 19.23
CA ASN A 16 -10.86 -0.10 17.81
C ASN A 16 -11.04 -1.58 17.56
N SER A 17 -10.13 -2.38 18.10
CA SER A 17 -10.11 -3.79 17.78
C SER A 17 -9.45 -4.65 18.86
N ILE A 18 -9.77 -5.94 18.85
CA ILE A 18 -9.10 -6.91 19.68
C ILE A 18 -8.30 -7.84 18.78
N LEU A 19 -6.98 -7.65 18.76
CA LEU A 19 -6.12 -8.36 17.83
C LEU A 19 -5.54 -9.63 18.44
N ASN A 20 -5.06 -10.53 17.57
CA ASN A 20 -4.46 -11.80 18.00
C ASN A 20 -5.40 -12.67 18.82
N ILE A 21 -6.69 -12.60 18.53
CA ILE A 21 -7.70 -13.39 19.22
C ILE A 21 -8.71 -13.95 18.22
N SER A 22 -8.89 -15.26 18.24
CA SER A 22 -9.87 -15.91 17.35
C SER A 22 -11.23 -16.03 18.02
N ILE A 23 -12.13 -15.09 17.71
CA ILE A 23 -13.47 -15.11 18.31
C ILE A 23 -14.41 -16.03 17.53
N SER A 24 -15.20 -16.80 18.25
CA SER A 24 -16.08 -17.81 17.68
C SER A 24 -17.26 -17.23 16.91
N GLU A 25 -17.70 -17.95 15.88
CA GLU A 25 -18.90 -17.60 15.13
C GLU A 25 -20.10 -17.67 16.07
N VAL A 26 -20.17 -18.75 16.85
CA VAL A 26 -21.21 -18.93 17.86
C VAL A 26 -21.07 -17.85 18.93
N HIS A 27 -22.19 -17.32 19.39
CA HIS A 27 -22.16 -16.15 20.25
C HIS A 27 -22.74 -16.36 21.65
N SER A 28 -22.21 -15.60 22.60
CA SER A 28 -22.78 -15.46 23.92
C SER A 28 -22.33 -14.10 24.43
N PRO A 29 -23.25 -13.13 24.48
CA PRO A 29 -23.02 -11.71 24.75
C PRO A 29 -21.88 -11.44 25.73
N ILE A 30 -20.83 -10.78 25.24
CA ILE A 30 -19.62 -10.53 26.03
C ILE A 30 -19.77 -9.28 26.88
N LYS A 31 -19.48 -9.40 28.17
CA LYS A 31 -19.47 -8.23 29.03
C LYS A 31 -18.17 -7.44 28.85
N ILE A 32 -18.32 -6.17 28.54
CA ILE A 32 -17.20 -5.24 28.53
C ILE A 32 -17.30 -4.38 29.79
N ILE A 33 -16.34 -4.55 30.69
CA ILE A 33 -16.36 -3.80 31.94
C ILE A 33 -15.29 -2.71 31.90
N VAL A 34 -15.74 -1.46 31.93
CA VAL A 34 -14.83 -0.33 31.92
C VAL A 34 -14.76 0.29 33.30
N ASN A 35 -13.55 0.38 33.84
CA ASN A 35 -13.36 0.91 35.18
C ASN A 35 -12.54 2.19 35.17
N THR A 36 -13.14 3.28 35.63
CA THR A 36 -12.43 4.53 35.83
C THR A 36 -12.46 4.80 37.32
N PRO A 37 -11.58 5.68 37.83
CA PRO A 37 -11.71 5.97 39.26
C PRO A 37 -13.06 6.62 39.53
N THR A 38 -13.72 6.20 40.61
CA THR A 38 -15.02 6.73 41.03
C THR A 38 -16.23 6.29 40.19
N GLN A 39 -15.98 5.64 39.05
CA GLN A 39 -17.07 5.19 38.16
C GLN A 39 -16.87 3.77 37.60
N ASN A 40 -17.95 3.20 37.06
CA ASN A 40 -17.93 1.85 36.49
C ASN A 40 -19.11 1.62 35.56
N MET A 41 -18.90 0.83 34.51
CA MET A 41 -19.96 0.49 33.57
C MET A 41 -19.78 -0.92 33.04
N GLN A 42 -20.88 -1.59 32.74
CA GLN A 42 -20.86 -2.96 32.27
C GLN A 42 -21.63 -3.07 30.96
N LEU A 43 -20.91 -3.34 29.88
CA LEU A 43 -21.51 -3.33 28.56
C LEU A 43 -21.60 -4.71 27.93
N PRO A 44 -22.77 -5.05 27.37
CA PRO A 44 -22.89 -6.27 26.56
C PRO A 44 -22.35 -6.04 25.15
N TRP A 45 -21.29 -6.76 24.80
CA TRP A 45 -20.75 -6.69 23.46
C TRP A 45 -21.11 -7.94 22.67
N GLN A 46 -21.96 -7.76 21.66
CA GLN A 46 -22.32 -8.84 20.76
C GLN A 46 -21.51 -8.69 19.47
N ALA A 47 -20.73 -9.71 19.14
CA ALA A 47 -19.86 -9.64 17.97
C ALA A 47 -20.34 -10.56 16.85
N VAL A 48 -21.07 -9.99 15.88
CA VAL A 48 -21.58 -10.74 14.74
C VAL A 48 -20.46 -11.50 14.05
N ASN A 49 -20.71 -12.78 13.76
CA ASN A 49 -19.68 -13.68 13.25
C ASN A 49 -18.50 -13.76 14.22
N GLY A 50 -17.30 -13.49 13.72
CA GLY A 50 -16.13 -13.47 14.57
C GLY A 50 -15.46 -12.11 14.52
N ASN A 51 -16.25 -11.08 14.25
CA ASN A 51 -15.72 -9.74 14.08
C ASN A 51 -15.05 -9.22 15.34
N ASN A 52 -13.79 -8.82 15.21
CA ASN A 52 -13.05 -8.29 16.36
C ASN A 52 -13.05 -6.77 16.40
N ARG A 53 -13.97 -6.16 15.66
CA ARG A 53 -14.07 -4.70 15.59
C ARG A 53 -14.89 -4.11 16.73
N LEU A 54 -14.26 -3.27 17.54
CA LEU A 54 -14.93 -2.51 18.58
C LEU A 54 -15.23 -1.09 18.07
N ASP A 55 -16.40 -0.57 18.41
CA ASP A 55 -16.76 0.79 18.02
C ASP A 55 -17.24 1.58 19.23
N HIS A 56 -16.41 1.60 20.28
CA HIS A 56 -16.80 2.22 21.55
C HIS A 56 -16.06 3.52 21.81
N ASP A 57 -16.81 4.61 21.91
CA ASP A 57 -16.22 5.92 22.21
C ASP A 57 -16.42 6.29 23.68
N PHE A 58 -15.48 7.04 24.22
CA PHE A 58 -15.55 7.51 25.59
C PHE A 58 -14.98 8.92 25.72
N ALA A 59 -15.65 9.75 26.51
CA ALA A 59 -15.12 11.07 26.86
C ALA A 59 -15.13 11.20 28.38
N PHE A 60 -13.95 11.41 28.96
CA PHE A 60 -13.83 11.44 30.41
C PHE A 60 -13.36 12.78 30.93
N HIS A 61 -14.11 13.38 31.84
CA HIS A 61 -13.54 14.47 32.60
C HIS A 61 -12.47 13.83 33.45
N VAL A 62 -11.27 14.38 33.39
CA VAL A 62 -10.10 13.62 33.77
C VAL A 62 -9.11 14.44 34.59
N ASP A 63 -8.31 13.76 35.40
CA ASP A 63 -7.15 14.37 36.04
C ASP A 63 -5.93 13.53 35.69
N ASP A 64 -4.74 14.00 36.06
CA ASP A 64 -3.51 13.36 35.61
C ASP A 64 -3.26 11.96 36.16
N ASN A 65 -3.96 11.59 37.23
CA ASN A 65 -3.77 10.28 37.84
C ASN A 65 -4.69 9.21 37.25
N PHE A 66 -5.44 9.59 36.23
CA PHE A 66 -6.43 8.72 35.60
C PHE A 66 -5.84 7.44 35.06
N LYS A 67 -6.60 6.35 35.20
CA LYS A 67 -6.16 5.04 34.74
C LYS A 67 -7.36 4.17 34.41
N VAL A 68 -7.85 4.28 33.19
CA VAL A 68 -9.00 3.52 32.73
C VAL A 68 -8.67 2.03 32.58
N SER A 69 -9.63 1.18 32.91
CA SER A 69 -9.44 -0.26 32.83
C SER A 69 -10.50 -0.90 31.95
N PHE A 70 -10.09 -1.75 31.02
CA PHE A 70 -11.04 -2.43 30.13
C PHE A 70 -10.99 -3.94 30.30
N MET A 71 -12.01 -4.49 30.93
CA MET A 71 -12.06 -5.93 31.15
C MET A 71 -13.06 -6.61 30.21
N PHE A 72 -12.60 -7.64 29.51
CA PHE A 72 -13.47 -8.43 28.66
C PHE A 72 -13.78 -9.77 29.33
N LEU A 73 -15.06 -10.13 29.34
CA LEU A 73 -15.50 -11.28 30.13
C LEU A 73 -16.10 -12.39 29.27
N ASP A 74 -15.59 -13.60 29.45
CA ASP A 74 -16.11 -14.80 28.77
C ASP A 74 -16.01 -14.75 27.25
N ILE A 75 -14.86 -14.32 26.75
CA ILE A 75 -14.59 -14.32 25.31
C ILE A 75 -14.49 -15.75 24.80
N PRO A 76 -15.32 -16.09 23.80
CA PRO A 76 -15.30 -17.45 23.25
C PRO A 76 -14.23 -17.62 22.16
N ILE A 77 -13.35 -18.60 22.32
CA ILE A 77 -12.35 -18.90 21.29
C ILE A 77 -12.75 -20.11 20.46
N GLU A 78 -12.46 -20.07 19.16
CA GLU A 78 -12.89 -21.12 18.25
C GLU A 78 -12.03 -22.37 18.35
N ILE A 118 -16.52 -25.38 23.76
CA ILE A 118 -16.11 -23.99 23.69
C ILE A 118 -15.20 -23.64 24.86
N LYS A 119 -14.44 -22.55 24.74
CA LYS A 119 -13.51 -22.14 25.78
C LYS A 119 -13.57 -20.63 26.02
N LYS A 120 -14.32 -20.22 27.03
CA LYS A 120 -14.49 -18.80 27.34
C LYS A 120 -13.33 -18.24 28.16
N VAL A 121 -12.70 -17.20 27.64
CA VAL A 121 -11.53 -16.60 28.29
C VAL A 121 -11.82 -15.17 28.75
N SER A 122 -11.18 -14.76 29.83
CA SER A 122 -11.40 -13.43 30.40
C SER A 122 -10.08 -12.70 30.60
N GLY A 123 -10.08 -11.39 30.38
CA GLY A 123 -8.87 -10.60 30.52
C GLY A 123 -9.13 -9.11 30.69
N THR A 124 -8.08 -8.38 31.05
CA THR A 124 -8.20 -6.96 31.34
C THR A 124 -7.10 -6.15 30.65
N ALA A 125 -7.47 -4.97 30.16
CA ALA A 125 -6.51 -4.07 29.52
C ALA A 125 -6.63 -2.67 30.13
N THR A 126 -5.60 -2.27 30.88
CA THR A 126 -5.64 -0.99 31.58
C THR A 126 -4.78 0.07 30.88
N LEU A 127 -5.38 1.21 30.60
CA LEU A 127 -4.69 2.30 29.92
C LEU A 127 -4.38 3.45 30.87
N ASN A 128 -3.10 3.68 31.12
CA ASN A 128 -2.67 4.75 32.01
C ASN A 128 -2.48 6.06 31.25
N LEU A 129 -3.11 7.12 31.73
CA LEU A 129 -3.05 8.43 31.06
C LEU A 129 -1.63 8.99 31.05
N GLY A 130 -0.90 8.80 32.15
CA GLY A 130 0.45 9.34 32.28
C GLY A 130 1.44 8.74 31.31
N ASN A 131 1.14 7.56 30.79
CA ASN A 131 2.03 6.89 29.86
C ASN A 131 1.78 7.25 28.40
N VAL A 132 0.69 7.98 28.16
CA VAL A 132 0.33 8.33 26.79
C VAL A 132 -0.06 9.80 26.64
N LYS A 133 -0.01 10.55 27.73
CA LYS A 133 -0.45 11.94 27.72
C LYS A 133 0.34 12.79 26.74
N ASP A 134 1.66 12.63 26.74
CA ASP A 134 2.54 13.42 25.89
C ASP A 134 2.30 13.13 24.41
N SER A 135 2.06 11.86 24.09
CA SER A 135 1.89 11.44 22.71
C SER A 135 0.50 11.73 22.15
N CYS A 136 -0.45 12.07 23.02
CA CYS A 136 -1.81 12.35 22.56
C CYS A 136 -2.29 13.76 22.93
N PHE A 137 -1.38 14.59 23.42
CA PHE A 137 -1.72 15.94 23.83
C PHE A 137 -2.09 16.82 22.64
N GLY A 138 -3.38 17.09 22.49
CA GLY A 138 -3.87 17.90 21.40
C GLY A 138 -3.76 17.23 20.05
N LYS A 139 -3.58 15.91 20.04
CA LYS A 139 -3.47 15.15 18.80
C LYS A 139 -3.86 13.68 19.00
N ALA A 140 -4.53 13.11 18.01
CA ALA A 140 -4.95 11.71 18.08
C ALA A 140 -3.75 10.79 18.09
N PHE A 141 -3.82 9.72 18.88
CA PHE A 141 -2.70 8.80 19.01
C PHE A 141 -3.16 7.36 19.23
N ASN A 142 -2.93 6.51 18.22
CA ASN A 142 -3.21 5.09 18.35
C ASN A 142 -2.21 4.40 19.26
N VAL A 143 -2.71 3.65 20.23
CA VAL A 143 -1.86 2.95 21.18
C VAL A 143 -2.35 1.52 21.34
N GLU A 144 -1.45 0.61 21.65
CA GLU A 144 -1.79 -0.80 21.86
C GLU A 144 -1.55 -1.21 23.31
N ILE A 145 -2.61 -1.68 23.98
CA ILE A 145 -2.50 -2.15 25.36
C ILE A 145 -2.88 -3.64 25.44
N PRO A 146 -2.03 -4.45 26.09
CA PRO A 146 -2.27 -5.89 26.18
C PRO A 146 -3.43 -6.24 27.10
N ILE A 147 -4.12 -7.34 26.78
CA ILE A 147 -5.20 -7.85 27.61
C ILE A 147 -4.69 -9.02 28.45
N ILE A 148 -4.23 -8.71 29.66
CA ILE A 148 -3.68 -9.73 30.54
C ILE A 148 -4.77 -10.65 31.08
N SER A 149 -4.54 -11.95 30.98
CA SER A 149 -5.51 -12.96 31.42
C SER A 149 -5.79 -12.89 32.92
N ARG A 150 -6.93 -13.42 33.32
CA ARG A 150 -7.35 -13.42 34.72
C ARG A 150 -6.41 -14.25 35.60
N GLY A 151 -5.96 -13.66 36.70
CA GLY A 151 -5.14 -14.36 37.68
C GLY A 151 -3.65 -14.12 37.55
N PHE A 152 -3.23 -13.59 36.42
CA PHE A 152 -1.81 -13.35 36.15
C PHE A 152 -1.26 -12.22 37.02
N ARG A 166 -1.02 -16.04 30.01
CA ARG A 166 -0.31 -14.78 30.18
C ARG A 166 -1.07 -13.63 29.53
N THR A 167 -0.84 -13.43 28.23
CA THR A 167 -1.53 -12.38 27.47
C THR A 167 -2.41 -12.96 26.37
N LEU A 168 -3.70 -12.65 26.43
CA LEU A 168 -4.66 -13.14 25.46
C LEU A 168 -4.42 -12.52 24.09
N GLY A 169 -4.66 -11.22 23.99
CA GLY A 169 -4.47 -10.50 22.75
C GLY A 169 -4.06 -9.07 23.01
N ASN A 170 -4.32 -8.20 22.03
CA ASN A 170 -3.99 -6.79 22.16
C ASN A 170 -5.18 -5.89 21.84
N LEU A 171 -5.53 -5.04 22.81
CA LEU A 171 -6.60 -4.06 22.61
C LEU A 171 -6.03 -2.82 21.95
N THR A 172 -6.55 -2.48 20.77
CA THR A 172 -6.12 -1.28 20.08
C THR A 172 -7.15 -0.18 20.23
N LEU A 173 -6.69 1.01 20.57
CA LEU A 173 -7.58 2.16 20.69
C LEU A 173 -6.89 3.44 20.25
N THR A 174 -7.68 4.48 20.08
CA THR A 174 -7.16 5.80 19.73
C THR A 174 -7.48 6.75 20.86
N CYS A 175 -6.47 7.46 21.34
CA CYS A 175 -6.67 8.41 22.43
C CYS A 175 -6.26 9.84 22.04
N LEU A 176 -6.66 10.80 22.85
CA LEU A 176 -6.38 12.21 22.62
C LEU A 176 -6.68 13.02 23.86
N TYR A 177 -5.70 13.80 24.32
CA TYR A 177 -5.87 14.58 25.55
C TYR A 177 -6.07 16.06 25.26
N ILE A 178 -7.04 16.65 25.95
CA ILE A 178 -7.29 18.08 25.87
C ILE A 178 -7.31 18.67 27.27
N PRO A 179 -6.48 19.69 27.52
CA PRO A 179 -6.39 20.29 28.85
C PRO A 179 -7.70 20.98 29.24
N GLU A 180 -7.74 21.51 30.46
CA GLU A 180 -8.94 22.19 30.94
C GLU A 180 -8.98 23.63 30.47
N LEU A 181 -10.07 24.00 29.79
CA LEU A 181 -10.23 25.33 29.25
C LEU A 181 -11.42 26.04 29.87
N SER A 182 -11.31 27.34 30.09
CA SER A 182 -12.42 28.14 30.62
C SER A 182 -13.49 28.33 29.56
N VAL A 183 -14.17 27.25 29.21
CA VAL A 183 -15.15 27.25 28.14
C VAL A 183 -16.34 26.38 28.54
N PRO A 184 -17.57 26.84 28.22
CA PRO A 184 -18.80 26.08 28.51
C PRO A 184 -18.72 24.62 28.07
N GLU A 185 -19.40 23.75 28.80
CA GLU A 185 -19.36 22.32 28.53
C GLU A 185 -19.96 22.01 27.16
N GLN A 186 -20.98 22.77 26.80
CA GLN A 186 -21.70 22.57 25.54
C GLN A 186 -20.89 23.09 24.33
N GLU A 187 -19.66 23.54 24.60
CA GLU A 187 -18.78 24.06 23.55
C GLU A 187 -17.58 23.15 23.30
N LEU A 188 -17.54 22.01 23.99
CA LEU A 188 -16.45 21.06 23.81
C LEU A 188 -16.92 19.89 22.94
N PRO A 189 -15.97 19.18 22.31
CA PRO A 189 -16.38 18.01 21.51
C PRO A 189 -16.75 16.83 22.40
N PHE A 190 -17.74 16.04 22.00
CA PHE A 190 -18.17 14.88 22.79
C PHE A 190 -17.46 13.60 22.38
N THR A 191 -17.01 13.54 21.13
CA THR A 191 -16.32 12.35 20.63
C THR A 191 -14.94 12.69 20.10
N LEU A 192 -14.09 11.67 20.03
CA LEU A 192 -12.73 11.82 19.52
C LEU A 192 -12.71 12.27 18.07
N GLU A 193 -13.62 11.72 17.26
CA GLU A 193 -13.69 12.09 15.86
C GLU A 193 -14.06 13.56 15.71
N GLN A 194 -14.90 14.05 16.62
CA GLN A 194 -15.32 15.45 16.57
C GLN A 194 -14.18 16.38 16.95
N ALA A 195 -13.33 15.93 17.88
CA ALA A 195 -12.20 16.73 18.32
C ALA A 195 -11.14 16.86 17.23
N THR A 196 -10.82 15.75 16.59
CA THR A 196 -9.79 15.74 15.55
C THR A 196 -10.25 16.48 14.30
N MET A 197 -11.57 16.50 14.09
CA MET A 197 -12.16 17.22 12.97
C MET A 197 -12.03 18.72 13.18
N ASP A 198 -12.07 19.14 14.44
CA ASP A 198 -11.89 20.54 14.79
C ASP A 198 -10.41 20.89 14.90
N LEU A 199 -9.64 19.98 15.49
CA LEU A 199 -8.21 20.18 15.70
C LEU A 199 -7.40 20.38 14.41
N ARG A 200 -7.99 20.04 13.26
CA ARG A 200 -7.31 20.25 11.98
C ARG A 200 -7.50 21.68 11.50
N HIS A 201 -7.97 22.54 12.39
CA HIS A 201 -8.01 23.97 12.12
C HIS A 201 -6.92 24.65 12.93
N VAL A 202 -6.02 23.83 13.48
CA VAL A 202 -4.91 24.33 14.27
C VAL A 202 -3.58 24.13 13.53
N ARG A 203 -3.11 25.20 12.89
CA ARG A 203 -1.87 25.15 12.13
C ARG A 203 -0.65 25.31 13.04
N SER A 204 0.41 24.59 12.71
CA SER A 204 1.67 24.73 13.43
C SER A 204 2.51 25.83 12.77
N ASN A 205 2.77 26.91 13.50
CA ASN A 205 3.51 28.03 12.95
C ASN A 205 4.91 27.67 12.48
N TYR A 206 5.28 28.18 11.31
CA TYR A 206 6.62 27.95 10.78
C TYR A 206 7.64 28.58 11.73
N LEU A 207 8.59 27.78 12.17
CA LEU A 207 9.63 28.27 13.07
C LEU A 207 10.97 27.69 12.65
N TYR A 208 11.89 28.58 12.28
CA TYR A 208 13.22 28.16 11.86
C TYR A 208 14.28 29.14 12.32
N ASN A 209 15.29 28.63 13.02
CA ASN A 209 16.42 29.44 13.45
C ASN A 209 17.68 28.59 13.59
N GLU A 210 18.82 29.18 13.25
CA GLU A 210 20.08 28.46 13.29
C GLU A 210 21.21 29.35 13.80
N GLY A 211 22.30 28.73 14.27
CA GLY A 211 23.43 29.46 14.78
C GLY A 211 24.24 28.68 15.79
N TYR A 212 25.43 29.19 16.13
CA TYR A 212 26.30 28.53 17.10
C TYR A 212 25.90 28.88 18.53
N LEU A 213 26.17 27.95 19.45
CA LEU A 213 25.78 28.11 20.85
C LEU A 213 26.41 27.04 21.75
N TYR A 214 26.89 27.46 22.92
CA TYR A 214 27.54 26.56 23.88
C TYR A 214 26.53 25.83 24.77
N ARG A 215 26.83 24.57 25.07
CA ARG A 215 25.97 23.75 25.94
C ARG A 215 26.78 22.82 26.85
N LEU A 216 26.13 22.28 27.88
CA LEU A 216 26.77 21.34 28.79
C LEU A 216 26.13 19.96 28.68
N ILE A 221 30.02 21.80 26.98
CA ILE A 221 31.22 21.20 26.42
C ILE A 221 31.86 22.08 25.33
N ARG A 222 31.09 22.41 24.29
CA ARG A 222 31.57 23.24 23.20
C ARG A 222 30.42 23.93 22.46
N ARG A 223 30.76 24.78 21.50
CA ARG A 223 29.76 25.48 20.70
C ARG A 223 29.37 24.66 19.47
N ARG A 224 28.06 24.54 19.23
CA ARG A 224 27.57 23.76 18.11
C ARG A 224 26.42 24.49 17.41
N PHE A 225 26.20 24.13 16.15
CA PHE A 225 25.22 24.81 15.32
C PHE A 225 23.80 24.31 15.58
N VAL A 226 23.18 24.80 16.65
CA VAL A 226 21.79 24.42 16.93
C VAL A 226 20.84 24.86 15.83
N VAL A 227 19.91 23.97 15.48
CA VAL A 227 18.90 24.25 14.47
C VAL A 227 17.50 24.00 15.06
N LEU A 228 16.71 25.07 15.22
CA LEU A 228 15.38 24.94 15.80
C LEU A 228 14.27 24.92 14.73
N ARG A 229 13.43 23.88 14.78
CA ARG A 229 12.23 23.82 13.95
C ARG A 229 11.02 23.56 14.83
N SER A 230 10.01 24.42 14.72
CA SER A 230 8.86 24.41 15.61
C SER A 230 9.33 24.42 17.06
N LYS A 231 9.00 23.36 17.79
CA LYS A 231 9.45 23.19 19.18
C LYS A 231 10.68 22.30 19.27
N GLN A 232 11.11 21.77 18.13
CA GLN A 232 12.23 20.83 18.12
C GLN A 232 13.54 21.50 17.74
N LEU A 233 14.56 21.29 18.55
CA LEU A 233 15.90 21.74 18.19
C LEU A 233 16.87 20.56 18.05
N ASN A 234 17.80 20.68 17.11
CA ASN A 234 18.80 19.64 16.88
C ASN A 234 20.23 20.17 16.97
N PHE A 235 21.01 19.52 17.83
CA PHE A 235 22.41 19.83 18.01
C PHE A 235 23.17 19.38 16.77
N TYR A 236 23.99 20.25 16.19
CA TYR A 236 24.76 19.85 15.03
C TYR A 236 26.28 20.01 15.17
N ALA A 237 27.01 18.97 14.76
CA ALA A 237 28.45 19.04 14.71
C ALA A 237 28.87 20.03 13.63
N GLU A 238 29.89 20.84 13.93
CA GLU A 238 30.30 21.95 13.08
C GLU A 238 29.10 22.86 12.79
N LYS A 239 28.79 23.05 11.51
CA LYS A 239 27.57 23.76 11.13
C LYS A 239 26.50 22.77 10.69
N GLY A 240 26.82 21.97 9.68
CA GLY A 240 25.92 20.94 9.19
C GLY A 240 26.56 19.57 9.13
N GLY A 241 27.62 19.38 9.90
CA GLY A 241 28.38 18.13 9.88
C GLY A 241 27.58 16.92 10.29
N GLN A 242 27.17 16.86 11.54
CA GLN A 242 26.33 15.77 12.01
C GLN A 242 25.25 16.27 12.97
N TYR A 243 24.16 15.51 13.11
CA TYR A 243 23.14 15.77 14.12
C TYR A 243 23.58 15.09 15.41
N LEU A 244 23.71 15.88 16.48
CA LEU A 244 24.25 15.36 17.74
C LEU A 244 23.19 14.92 18.73
N ASP A 245 22.10 15.66 18.82
CA ASP A 245 21.02 15.34 19.76
C ASP A 245 19.77 16.15 19.47
N THR A 246 18.62 15.60 19.87
CA THR A 246 17.38 16.36 19.83
C THR A 246 16.92 16.69 21.25
N PHE A 247 16.18 17.78 21.37
CA PHE A 247 15.62 18.21 22.65
C PHE A 247 14.29 18.89 22.38
N GLN A 248 13.23 18.10 22.34
CA GLN A 248 11.89 18.60 22.05
C GLN A 248 11.39 19.47 23.21
N LEU A 249 11.24 20.77 22.95
CA LEU A 249 10.81 21.70 23.98
C LEU A 249 9.46 21.34 24.60
N SER A 250 9.28 21.68 25.87
CA SER A 250 8.03 21.41 26.55
C SER A 250 6.94 22.35 26.08
N LYS A 251 5.71 21.85 26.03
CA LYS A 251 4.57 22.64 25.63
C LYS A 251 3.86 23.22 26.84
N THR A 252 4.58 23.29 27.96
CA THR A 252 4.02 23.80 29.21
C THR A 252 4.95 24.81 29.87
N VAL A 253 6.06 24.31 30.41
CA VAL A 253 7.04 25.18 31.08
C VAL A 253 7.81 26.04 30.07
N VAL A 254 8.11 27.28 30.48
CA VAL A 254 8.76 28.24 29.60
C VAL A 254 10.26 28.34 29.90
N SER A 255 11.08 28.34 28.86
CA SER A 255 12.52 28.49 29.02
C SER A 255 12.85 29.88 29.56
N ILE A 256 13.84 29.92 30.45
CA ILE A 256 14.20 31.17 31.13
C ILE A 256 15.70 31.45 30.99
N PRO A 257 16.07 32.73 30.77
CA PRO A 257 17.49 33.09 30.72
C PRO A 257 18.18 32.91 32.07
N MET A 258 19.50 32.76 32.05
CA MET A 258 20.28 32.56 33.27
C MET A 258 20.81 33.86 33.85
N VAL A 259 21.05 33.88 35.16
CA VAL A 259 21.60 35.04 35.84
C VAL A 259 22.82 34.63 36.68
N ASN A 260 22.91 33.33 36.98
CA ASN A 260 24.03 32.82 37.75
C ASN A 260 24.97 31.98 36.89
N PHE A 261 25.94 32.65 36.27
CA PHE A 261 26.89 31.97 35.40
C PHE A 261 27.82 31.05 36.18
N SER A 262 28.27 29.97 35.53
CA SER A 262 29.22 29.05 36.15
C SER A 262 30.60 29.69 36.25
N GLU A 263 31.44 29.17 37.15
CA GLU A 263 32.78 29.67 37.33
C GLU A 263 33.65 29.39 36.11
N ALA A 264 33.35 28.29 35.43
CA ALA A 264 34.11 27.88 34.26
C ALA A 264 33.70 28.65 33.01
N VAL A 265 32.40 28.79 32.80
CA VAL A 265 31.88 29.46 31.61
C VAL A 265 32.18 30.97 31.61
N SER A 266 32.50 31.50 32.79
CA SER A 266 32.87 32.90 32.90
C SER A 266 34.26 33.12 32.32
N ASN A 267 35.09 32.08 32.38
CA ASN A 267 36.44 32.15 31.84
C ASN A 267 36.47 31.93 30.32
N LEU A 268 35.50 31.17 29.83
CA LEU A 268 35.40 30.90 28.39
C LEU A 268 34.95 32.13 27.61
N GLY A 269 34.42 33.12 28.32
CA GLY A 269 33.96 34.35 27.70
C GLY A 269 32.46 34.36 27.48
N LEU A 270 31.76 33.47 28.18
CA LEU A 270 30.31 33.37 28.04
C LEU A 270 29.60 34.31 29.02
N VAL A 271 28.78 35.20 28.46
CA VAL A 271 28.10 36.21 29.27
C VAL A 271 26.72 35.75 29.73
N ALA A 272 25.78 35.63 28.79
CA ALA A 272 24.42 35.25 29.12
C ALA A 272 24.15 33.78 28.85
N GLY A 273 23.18 33.21 29.57
CA GLY A 273 22.85 31.81 29.44
C GLY A 273 21.37 31.55 29.21
N ILE A 274 21.05 30.31 28.83
CA ILE A 274 19.66 29.91 28.56
C ILE A 274 19.36 28.54 29.16
N LEU A 275 18.29 28.45 29.94
CA LEU A 275 17.86 27.18 30.51
C LEU A 275 16.58 26.69 29.83
N ALA A 276 16.61 25.45 29.35
CA ALA A 276 15.47 24.88 28.64
C ALA A 276 15.00 23.58 29.28
N THR A 277 13.71 23.30 29.18
CA THR A 277 13.12 22.08 29.72
C THR A 277 12.25 21.40 28.67
N SER A 278 12.38 20.09 28.54
CA SER A 278 11.66 19.33 27.52
C SER A 278 10.34 18.78 28.06
N VAL A 279 9.68 17.96 27.24
CA VAL A 279 8.42 17.33 27.63
C VAL A 279 8.66 16.16 28.57
N ASP A 280 9.92 15.78 28.75
CA ASP A 280 10.29 14.64 29.57
C ASP A 280 10.83 15.08 30.94
N ARG A 281 10.60 16.35 31.27
CA ARG A 281 11.05 16.93 32.54
C ARG A 281 12.58 16.95 32.69
N ARG A 282 13.30 16.71 31.60
CA ARG A 282 14.76 16.78 31.63
C ARG A 282 15.22 18.16 31.18
N HIS A 283 16.31 18.63 31.76
CA HIS A 283 16.76 20.01 31.51
C HIS A 283 18.06 20.07 30.71
N VAL A 284 18.37 21.27 30.21
CA VAL A 284 19.61 21.52 29.50
C VAL A 284 19.96 23.00 29.62
N GLN A 285 21.25 23.30 29.75
CA GLN A 285 21.69 24.67 29.89
C GLN A 285 22.43 25.17 28.64
N LEU A 286 21.95 26.29 28.11
CA LEU A 286 22.51 26.86 26.89
C LEU A 286 23.28 28.13 27.22
N PHE A 287 24.43 28.32 26.60
CA PHE A 287 25.25 29.50 26.87
C PHE A 287 25.73 30.18 25.60
N ALA A 288 25.76 31.51 25.62
CA ALA A 288 26.25 32.28 24.49
C ALA A 288 27.21 33.37 24.97
N ASP A 289 28.25 33.63 24.17
CA ASP A 289 29.25 34.63 24.52
C ASP A 289 28.74 36.05 24.31
N SER A 290 27.59 36.17 23.67
CA SER A 290 26.97 37.47 23.41
C SER A 290 25.64 37.59 24.12
N LYS A 291 25.26 38.82 24.47
CA LYS A 291 24.00 39.08 25.17
C LYS A 291 22.82 39.09 24.21
N LYS A 292 22.97 39.83 23.11
CA LYS A 292 21.91 39.98 22.12
C LYS A 292 21.48 38.62 21.53
N VAL A 293 22.42 37.69 21.50
CA VAL A 293 22.16 36.34 20.98
C VAL A 293 21.16 35.58 21.86
N CYS A 294 21.33 35.68 23.17
CA CYS A 294 20.46 34.98 24.12
C CYS A 294 19.01 35.49 24.10
N GLN A 295 18.84 36.80 23.91
CA GLN A 295 17.50 37.38 23.82
C GLN A 295 16.93 37.24 22.41
N LYS A 296 17.66 36.52 21.55
CA LYS A 296 17.21 36.24 20.19
C LYS A 296 16.66 34.82 20.10
N TRP A 297 17.38 33.89 20.71
CA TRP A 297 16.96 32.49 20.74
C TRP A 297 15.74 32.28 21.63
N LEU A 298 15.78 32.86 22.83
CA LEU A 298 14.65 32.75 23.75
C LEU A 298 13.43 33.48 23.22
N GLN A 299 13.63 34.40 22.29
CA GLN A 299 12.55 35.17 21.70
C GLN A 299 11.78 34.32 20.68
N VAL A 300 12.48 33.41 20.02
CA VAL A 300 11.88 32.57 19.00
C VAL A 300 11.50 31.18 19.54
N MET A 301 12.30 30.67 20.46
CA MET A 301 12.06 29.33 21.01
C MET A 301 10.90 29.32 21.99
N ASN A 302 10.48 30.51 22.42
CA ASN A 302 9.33 30.63 23.31
C ASN A 302 8.17 31.42 22.71
N SER A 303 8.18 31.56 21.38
CA SER A 303 7.09 32.20 20.69
C SER A 303 5.90 31.25 20.58
N ARG A 304 4.80 31.73 20.01
CA ARG A 304 3.60 30.90 19.91
C ARG A 304 3.84 29.67 19.04
N SER A 305 3.63 28.50 19.63
CA SER A 305 3.82 27.23 18.93
C SER A 305 2.77 27.03 17.85
N PHE A 306 1.50 27.21 18.21
CA PHE A 306 0.40 27.00 17.27
C PHE A 306 -0.42 28.26 16.98
N ALA A 307 -1.11 28.23 15.86
CA ALA A 307 -2.08 29.27 15.52
C ALA A 307 -3.40 28.62 15.12
N LEU A 308 -4.43 29.41 14.91
CA LEU A 308 -5.74 28.88 14.53
C LEU A 308 -6.07 29.27 13.09
N ASP A 309 -6.84 28.42 12.40
CA ASP A 309 -7.29 28.73 11.05
C ASP A 309 -8.23 29.93 11.06
N ARG A 310 -8.45 30.53 9.90
CA ARG A 310 -9.36 31.65 9.78
C ARG A 310 -10.78 31.16 9.49
N GLY A 311 -11.76 31.72 10.19
CA GLY A 311 -13.15 31.37 9.97
C GLY A 311 -13.61 30.12 10.72
N THR A 312 -12.77 29.63 11.63
CA THR A 312 -13.10 28.44 12.42
C THR A 312 -14.28 28.71 13.37
N GLU A 313 -14.23 29.87 14.04
CA GLU A 313 -15.32 30.33 14.88
C GLU A 313 -15.68 29.35 16.00
N LYS A 314 -14.67 28.66 16.53
CA LYS A 314 -14.88 27.68 17.59
C LYS A 314 -14.36 28.21 18.91
N LEU A 315 -15.22 28.24 19.93
CA LEU A 315 -14.84 28.76 21.22
C LEU A 315 -13.71 27.98 21.89
N TRP A 316 -13.80 26.66 21.85
CA TRP A 316 -12.81 25.85 22.55
C TRP A 316 -11.45 25.86 21.85
N LEU A 317 -11.46 25.94 20.53
CA LEU A 317 -10.23 25.99 19.75
C LEU A 317 -9.45 27.28 20.01
N GLN A 318 -10.17 28.39 20.10
CA GLN A 318 -9.58 29.67 20.45
C GLN A 318 -8.90 29.58 21.80
N GLU A 319 -9.59 28.96 22.76
CA GLU A 319 -9.09 28.87 24.12
C GLU A 319 -7.91 27.90 24.20
N TYR A 320 -7.97 26.85 23.39
CA TYR A 320 -6.88 25.87 23.34
C TYR A 320 -5.60 26.51 22.78
N VAL A 321 -5.76 27.45 21.86
CA VAL A 321 -4.60 28.14 21.30
C VAL A 321 -4.02 29.13 22.30
N ASN A 322 -4.89 29.89 22.95
CA ASN A 322 -4.47 30.83 23.98
C ASN A 322 -3.81 30.12 25.15
N PHE A 323 -4.21 28.87 25.37
CA PHE A 323 -3.65 28.04 26.43
C PHE A 323 -2.19 27.72 26.14
N MET A 324 -1.85 27.59 24.86
CA MET A 324 -0.48 27.27 24.45
C MET A 324 0.30 28.55 24.15
N PRO B 5 -6.10 -24.65 -11.42
CA PRO B 5 -6.91 -23.42 -11.48
C PRO B 5 -6.70 -22.54 -10.25
N LEU B 6 -6.44 -21.26 -10.47
CA LEU B 6 -6.23 -20.32 -9.37
C LEU B 6 -7.49 -19.54 -9.03
N PRO B 7 -7.86 -19.50 -7.74
CA PRO B 7 -9.01 -18.73 -7.27
C PRO B 7 -8.76 -17.22 -7.37
N LEU B 8 -9.60 -16.53 -8.13
CA LEU B 8 -9.49 -15.07 -8.27
C LEU B 8 -10.50 -14.36 -7.37
N GLY B 9 -10.11 -13.18 -6.88
CA GLY B 9 -10.99 -12.38 -6.05
C GLY B 9 -10.57 -10.91 -5.96
N ARG B 10 -11.09 -10.22 -4.95
CA ARG B 10 -10.71 -8.84 -4.68
C ARG B 10 -10.27 -8.68 -3.22
N PHE B 11 -9.16 -7.99 -3.01
CA PHE B 11 -8.59 -7.82 -1.68
C PHE B 11 -8.60 -6.36 -1.27
N TYR B 12 -9.49 -6.02 -0.35
CA TYR B 12 -9.60 -4.66 0.16
C TYR B 12 -8.73 -4.49 1.40
N ILE B 13 -7.89 -3.46 1.41
CA ILE B 13 -7.05 -3.17 2.56
C ILE B 13 -7.28 -1.73 3.00
N HIS B 14 -7.13 -1.48 4.29
CA HIS B 14 -7.19 -0.12 4.83
C HIS B 14 -6.24 0.00 6.01
N LEU B 15 -5.08 0.59 5.77
CA LEU B 15 -4.08 0.77 6.82
C LEU B 15 -4.60 1.70 7.90
N ASN B 16 -4.56 1.24 9.14
CA ASN B 16 -5.10 2.01 10.25
C ASN B 16 -4.06 2.82 11.03
N SER B 17 -2.92 2.19 11.35
CA SER B 17 -1.95 2.82 12.23
C SER B 17 -0.57 2.14 12.24
N ILE B 18 0.38 2.79 12.89
CA ILE B 18 1.71 2.23 13.12
C ILE B 18 1.99 2.28 14.61
N LEU B 19 2.03 1.12 15.25
CA LEU B 19 2.14 1.08 16.70
C LEU B 19 3.56 0.82 17.19
N ASN B 20 3.78 1.06 18.48
CA ASN B 20 5.08 0.82 19.12
C ASN B 20 6.21 1.63 18.52
N ILE B 21 5.88 2.76 17.90
CA ILE B 21 6.88 3.61 17.26
C ILE B 21 6.71 5.06 17.69
N SER B 22 7.81 5.67 18.11
CA SER B 22 7.81 7.07 18.49
C SER B 22 8.41 7.89 17.34
N ILE B 23 7.63 8.81 16.79
CA ILE B 23 8.09 9.61 15.65
C ILE B 23 8.13 11.09 16.00
N SER B 24 9.23 11.74 15.63
CA SER B 24 9.35 13.18 15.87
C SER B 24 8.30 13.92 15.04
N GLU B 25 7.58 14.83 15.69
CA GLU B 25 6.47 15.53 15.06
C GLU B 25 6.96 16.47 13.96
N VAL B 26 8.19 16.95 14.11
CA VAL B 26 8.67 18.10 13.35
C VAL B 26 9.47 17.77 12.09
N HIS B 27 9.05 18.35 10.97
CA HIS B 27 9.70 18.23 9.67
C HIS B 27 10.01 16.79 9.23
N SER B 28 9.00 15.93 9.21
CA SER B 28 9.18 14.54 8.80
C SER B 28 8.32 14.12 7.60
N PRO B 29 8.95 13.95 6.42
CA PRO B 29 8.34 13.37 5.22
C PRO B 29 8.67 11.88 5.05
N ILE B 30 7.69 11.01 5.25
CA ILE B 30 7.85 9.57 5.16
C ILE B 30 7.42 9.05 3.78
N LYS B 31 8.14 8.08 3.24
CA LYS B 31 7.74 7.46 1.98
C LYS B 31 7.26 6.03 2.18
N ILE B 32 6.03 5.77 1.72
CA ILE B 32 5.44 4.45 1.82
C ILE B 32 5.54 3.72 0.48
N ILE B 33 6.29 2.63 0.44
CA ILE B 33 6.40 1.82 -0.78
C ILE B 33 5.57 0.56 -0.64
N VAL B 34 4.48 0.50 -1.41
CA VAL B 34 3.60 -0.67 -1.42
C VAL B 34 3.92 -1.52 -2.64
N ASN B 35 4.25 -2.78 -2.41
CA ASN B 35 4.72 -3.65 -3.48
C ASN B 35 3.91 -4.94 -3.61
N THR B 36 3.00 -4.96 -4.59
CA THR B 36 2.26 -6.17 -4.93
C THR B 36 3.12 -6.98 -5.89
N PRO B 37 2.87 -8.30 -5.99
CA PRO B 37 3.65 -9.15 -6.90
C PRO B 37 3.59 -8.69 -8.36
N THR B 38 2.54 -7.95 -8.72
CA THR B 38 2.34 -7.55 -10.11
C THR B 38 2.77 -6.09 -10.39
N GLN B 39 2.54 -5.21 -9.42
CA GLN B 39 2.78 -3.78 -9.61
C GLN B 39 3.53 -3.14 -8.44
N ASN B 40 3.64 -1.81 -8.44
CA ASN B 40 4.40 -1.08 -7.44
C ASN B 40 3.94 0.37 -7.29
N MET B 41 4.08 0.93 -6.09
CA MET B 41 3.74 2.32 -5.84
C MET B 41 4.51 2.89 -4.64
N GLN B 42 4.96 4.13 -4.76
CA GLN B 42 5.66 4.79 -3.67
C GLN B 42 4.93 6.07 -3.28
N LEU B 43 4.61 6.20 -1.99
CA LEU B 43 3.73 7.26 -1.52
C LEU B 43 4.41 8.10 -0.45
N PRO B 44 4.38 9.44 -0.62
CA PRO B 44 4.90 10.32 0.42
C PRO B 44 3.89 10.51 1.56
N TRP B 45 4.20 9.93 2.72
CA TRP B 45 3.34 10.05 3.89
C TRP B 45 3.78 11.21 4.77
N GLN B 46 2.82 12.04 5.18
CA GLN B 46 3.12 13.18 6.03
C GLN B 46 2.57 13.00 7.44
N ALA B 47 3.38 12.42 8.32
CA ALA B 47 3.00 12.31 9.72
C ALA B 47 3.11 13.69 10.37
N VAL B 48 2.08 14.50 10.16
CA VAL B 48 2.11 15.92 10.52
C VAL B 48 2.47 16.22 11.98
N ASN B 49 1.70 15.64 12.91
CA ASN B 49 1.95 15.88 14.33
C ASN B 49 2.75 14.74 14.93
N GLY B 50 3.44 13.99 14.08
CA GLY B 50 4.05 12.75 14.50
C GLY B 50 2.96 11.69 14.59
N ASN B 51 1.80 12.02 14.03
CA ASN B 51 0.63 11.17 14.07
C ASN B 51 0.88 9.83 13.38
N ASN B 52 0.66 8.74 14.11
CA ASN B 52 0.90 7.41 13.58
C ASN B 52 -0.32 6.80 12.88
N ARG B 53 -1.33 7.63 12.64
CA ARG B 53 -2.56 7.18 11.98
C ARG B 53 -2.48 7.24 10.46
N LEU B 54 -2.78 6.11 9.84
CA LEU B 54 -2.85 6.00 8.39
C LEU B 54 -4.31 5.93 7.95
N ASP B 55 -4.59 6.47 6.78
CA ASP B 55 -5.94 6.40 6.21
C ASP B 55 -5.86 6.02 4.73
N HIS B 56 -5.11 4.96 4.45
CA HIS B 56 -4.84 4.57 3.07
C HIS B 56 -5.71 3.39 2.66
N ASP B 57 -6.52 3.59 1.62
CA ASP B 57 -7.37 2.51 1.11
C ASP B 57 -6.71 1.78 -0.05
N PHE B 58 -7.06 0.50 -0.21
CA PHE B 58 -6.57 -0.30 -1.32
C PHE B 58 -7.64 -1.30 -1.77
N ALA B 59 -7.53 -1.74 -3.01
CA ALA B 59 -8.44 -2.74 -3.56
C ALA B 59 -7.81 -3.38 -4.78
N PHE B 60 -7.30 -4.60 -4.61
CA PHE B 60 -6.56 -5.27 -5.67
C PHE B 60 -7.35 -6.39 -6.33
N HIS B 61 -7.31 -6.44 -7.65
CA HIS B 61 -7.74 -7.64 -8.36
C HIS B 61 -6.68 -8.66 -8.03
N VAL B 62 -7.09 -9.88 -7.69
CA VAL B 62 -6.17 -10.74 -6.95
C VAL B 62 -6.37 -12.24 -7.16
N ASP B 63 -5.28 -13.00 -7.09
CA ASP B 63 -5.33 -14.45 -7.05
C ASP B 63 -4.85 -14.90 -5.67
N ASP B 64 -4.83 -16.20 -5.44
CA ASP B 64 -4.57 -16.76 -4.11
C ASP B 64 -3.13 -16.60 -3.63
N ASN B 65 -2.18 -16.56 -4.57
CA ASN B 65 -0.76 -16.51 -4.22
C ASN B 65 -0.24 -15.12 -3.88
N PHE B 66 -1.13 -14.14 -3.91
CA PHE B 66 -0.79 -12.74 -3.72
C PHE B 66 -0.21 -12.42 -2.34
N LYS B 67 0.76 -11.53 -2.32
CA LYS B 67 1.47 -11.17 -1.10
C LYS B 67 1.91 -9.70 -1.15
N VAL B 68 1.06 -8.83 -0.62
CA VAL B 68 1.35 -7.40 -0.63
C VAL B 68 2.40 -7.04 0.42
N SER B 69 3.24 -6.06 0.11
CA SER B 69 4.23 -5.59 1.07
C SER B 69 4.09 -4.09 1.33
N PHE B 70 4.42 -3.67 2.54
CA PHE B 70 4.39 -2.25 2.88
C PHE B 70 5.70 -1.84 3.53
N MET B 71 6.62 -1.32 2.72
CA MET B 71 7.90 -0.88 3.23
C MET B 71 7.86 0.59 3.65
N PHE B 72 8.37 0.87 4.84
CA PHE B 72 8.38 2.23 5.37
C PHE B 72 9.79 2.80 5.36
N LEU B 73 10.05 3.66 4.38
CA LEU B 73 11.39 4.19 4.17
C LEU B 73 11.69 5.39 5.06
N ASP B 74 12.81 5.32 5.77
CA ASP B 74 13.33 6.44 6.57
C ASP B 74 12.40 6.89 7.71
N ILE B 75 12.13 6.00 8.65
CA ILE B 75 11.34 6.34 9.83
C ILE B 75 12.24 7.00 10.88
N PRO B 76 11.97 8.28 11.21
CA PRO B 76 12.74 9.00 12.23
C PRO B 76 12.31 8.58 13.63
N ILE B 77 12.75 7.41 14.05
CA ILE B 77 12.45 6.90 15.38
C ILE B 77 13.28 7.63 16.42
N GLU B 78 12.74 7.81 17.62
CA GLU B 78 13.48 8.44 18.70
C GLU B 78 14.15 7.38 19.57
N ASP B 79 15.36 7.68 20.04
CA ASP B 79 16.17 6.75 20.82
C ASP B 79 16.42 5.43 20.09
N ILE B 118 15.66 11.01 16.20
CA ILE B 118 17.09 10.80 16.44
C ILE B 118 17.75 9.96 15.35
N LYS B 119 17.18 8.80 15.07
CA LYS B 119 17.74 7.89 14.06
C LYS B 119 16.70 7.49 13.01
N LYS B 120 17.11 7.48 11.75
CA LYS B 120 16.22 7.10 10.65
C LYS B 120 16.43 5.65 10.23
N VAL B 121 15.42 4.82 10.45
CA VAL B 121 15.49 3.40 10.13
C VAL B 121 14.34 3.00 9.20
N SER B 122 14.62 2.12 8.25
CA SER B 122 13.59 1.63 7.34
C SER B 122 13.03 0.30 7.84
N GLY B 123 11.81 -0.01 7.45
CA GLY B 123 11.17 -1.26 7.86
C GLY B 123 10.14 -1.76 6.87
N THR B 124 9.87 -3.06 6.91
CA THR B 124 8.95 -3.68 5.96
C THR B 124 7.95 -4.62 6.64
N ALA B 125 6.67 -4.44 6.32
CA ALA B 125 5.62 -5.31 6.83
C ALA B 125 4.83 -5.90 5.67
N THR B 126 4.92 -7.22 5.50
CA THR B 126 4.25 -7.89 4.38
C THR B 126 3.00 -8.67 4.82
N LEU B 127 1.93 -8.54 4.05
CA LEU B 127 0.69 -9.25 4.33
C LEU B 127 0.47 -10.37 3.32
N ASN B 128 0.12 -11.55 3.80
CA ASN B 128 -0.13 -12.70 2.93
C ASN B 128 -1.62 -13.02 2.87
N LEU B 129 -2.12 -13.20 1.65
CA LEU B 129 -3.54 -13.44 1.45
C LEU B 129 -3.98 -14.77 2.02
N GLY B 130 -3.22 -15.83 1.72
CA GLY B 130 -3.54 -17.17 2.18
C GLY B 130 -3.61 -17.28 3.69
N ASN B 131 -2.78 -16.49 4.38
CA ASN B 131 -2.70 -16.55 5.83
C ASN B 131 -3.84 -15.83 6.54
N VAL B 132 -4.58 -15.01 5.80
CA VAL B 132 -5.66 -14.23 6.42
C VAL B 132 -7.00 -14.34 5.69
N LYS B 133 -7.04 -15.05 4.57
CA LYS B 133 -8.27 -15.07 3.76
C LYS B 133 -9.45 -15.74 4.46
N ASP B 134 -9.20 -16.82 5.20
CA ASP B 134 -10.27 -17.51 5.92
C ASP B 134 -10.82 -16.62 7.03
N SER B 135 -9.97 -15.74 7.55
CA SER B 135 -10.35 -14.83 8.62
C SER B 135 -11.09 -13.60 8.09
N CYS B 136 -10.87 -13.28 6.81
CA CYS B 136 -11.47 -12.07 6.24
C CYS B 136 -12.40 -12.32 5.06
N PHE B 137 -12.71 -13.58 4.77
CA PHE B 137 -13.60 -13.93 3.67
C PHE B 137 -15.02 -13.43 3.93
N GLY B 138 -15.43 -12.40 3.18
CA GLY B 138 -16.76 -11.86 3.31
C GLY B 138 -17.01 -11.06 4.58
N LYS B 139 -15.95 -10.76 5.32
CA LYS B 139 -16.08 -9.98 6.55
C LYS B 139 -14.79 -9.27 6.96
N ALA B 140 -14.94 -8.04 7.44
CA ALA B 140 -13.79 -7.23 7.86
C ALA B 140 -13.00 -7.91 8.98
N PHE B 141 -11.69 -7.94 8.84
CA PHE B 141 -10.82 -8.64 9.78
C PHE B 141 -9.60 -7.81 10.16
N ASN B 142 -9.70 -7.09 11.28
CA ASN B 142 -8.59 -6.29 11.78
C ASN B 142 -7.42 -7.17 12.24
N VAL B 143 -6.24 -6.92 11.68
CA VAL B 143 -5.07 -7.75 11.97
C VAL B 143 -3.82 -6.91 12.20
N GLU B 144 -2.77 -7.53 12.71
CA GLU B 144 -1.51 -6.84 12.99
C GLU B 144 -0.33 -7.62 12.40
N ILE B 145 0.47 -6.94 11.60
CA ILE B 145 1.65 -7.54 11.01
C ILE B 145 2.90 -6.74 11.43
N PRO B 146 3.96 -7.45 11.86
CA PRO B 146 5.17 -6.77 12.35
C PRO B 146 5.99 -6.11 11.26
N ILE B 147 6.56 -4.95 11.57
CA ILE B 147 7.45 -4.24 10.67
C ILE B 147 8.90 -4.57 11.01
N ILE B 148 9.64 -5.10 10.03
CA ILE B 148 11.01 -5.55 10.27
C ILE B 148 12.02 -4.78 9.42
N SER B 149 13.14 -4.41 10.03
CA SER B 149 14.20 -3.68 9.33
C SER B 149 15.13 -4.62 8.58
N ARG B 166 15.04 -6.34 16.22
CA ARG B 166 14.90 -6.57 14.80
C ARG B 166 13.55 -6.05 14.31
N THR B 167 12.56 -6.14 15.19
CA THR B 167 11.22 -5.64 14.89
C THR B 167 11.06 -4.20 15.36
N LEU B 168 10.77 -3.32 14.42
CA LEU B 168 10.61 -1.90 14.72
C LEU B 168 9.31 -1.62 15.44
N GLY B 169 8.21 -1.72 14.70
CA GLY B 169 6.88 -1.50 15.27
C GLY B 169 5.88 -2.48 14.69
N ASN B 170 4.59 -2.16 14.82
CA ASN B 170 3.54 -3.03 14.31
C ASN B 170 2.53 -2.26 13.47
N LEU B 171 2.22 -2.80 12.29
CA LEU B 171 1.28 -2.18 11.37
C LEU B 171 -0.12 -2.79 11.50
N THR B 172 -1.09 -1.99 11.94
CA THR B 172 -2.47 -2.46 12.02
C THR B 172 -3.24 -2.13 10.75
N LEU B 173 -3.87 -3.14 10.17
CA LEU B 173 -4.70 -2.95 8.98
C LEU B 173 -6.03 -3.65 9.14
N THR B 174 -6.92 -3.45 8.17
CA THR B 174 -8.20 -4.15 8.14
C THR B 174 -8.45 -4.66 6.73
N CYS B 175 -8.54 -5.98 6.58
CA CYS B 175 -8.69 -6.57 5.27
C CYS B 175 -10.05 -7.24 5.09
N LEU B 176 -10.34 -7.62 3.85
CA LEU B 176 -11.59 -8.27 3.49
C LEU B 176 -11.48 -8.86 2.09
N TYR B 177 -11.79 -10.14 1.95
CA TYR B 177 -11.66 -10.83 0.67
C TYR B 177 -13.01 -11.12 0.04
N ILE B 178 -13.13 -10.84 -1.26
CA ILE B 178 -14.33 -11.15 -2.02
C ILE B 178 -13.94 -11.83 -3.32
N PRO B 179 -14.44 -13.05 -3.55
CA PRO B 179 -14.09 -13.79 -4.77
C PRO B 179 -14.60 -13.07 -6.02
N GLU B 180 -13.99 -13.34 -7.17
CA GLU B 180 -14.39 -12.72 -8.42
C GLU B 180 -15.82 -13.10 -8.78
N LEU B 181 -16.68 -12.09 -8.89
CA LEU B 181 -18.09 -12.30 -9.18
C LEU B 181 -18.44 -11.83 -10.60
N SER B 182 -19.31 -12.57 -11.28
CA SER B 182 -19.72 -12.22 -12.63
C SER B 182 -20.60 -10.97 -12.66
N VAL B 183 -20.00 -9.84 -12.30
CA VAL B 183 -20.70 -8.56 -12.26
C VAL B 183 -19.77 -7.47 -12.77
N PRO B 184 -20.27 -6.61 -13.66
CA PRO B 184 -19.50 -5.50 -14.23
C PRO B 184 -18.74 -4.71 -13.16
N GLU B 185 -17.48 -4.40 -13.43
CA GLU B 185 -16.58 -3.83 -12.42
C GLU B 185 -16.93 -2.41 -11.96
N GLN B 186 -18.14 -1.97 -12.29
CA GLN B 186 -18.62 -0.67 -11.85
C GLN B 186 -19.57 -0.80 -10.68
N GLU B 187 -20.29 -1.92 -10.62
CA GLU B 187 -21.27 -2.16 -9.57
C GLU B 187 -20.64 -2.69 -8.27
N LEU B 188 -19.31 -2.79 -8.26
CA LEU B 188 -18.60 -3.26 -7.08
C LEU B 188 -18.02 -2.11 -6.27
N PRO B 189 -17.91 -2.29 -4.94
CA PRO B 189 -17.33 -1.26 -4.07
C PRO B 189 -15.84 -1.07 -4.33
N PHE B 190 -15.31 0.10 -4.02
CA PHE B 190 -13.89 0.37 -4.25
C PHE B 190 -13.12 0.58 -2.96
N THR B 191 -13.84 0.66 -1.85
CA THR B 191 -13.23 0.79 -0.54
C THR B 191 -13.71 -0.33 0.35
N LEU B 192 -13.02 -0.55 1.46
CA LEU B 192 -13.42 -1.56 2.42
C LEU B 192 -14.66 -1.11 3.20
N GLU B 193 -14.70 0.17 3.55
CA GLU B 193 -15.85 0.77 4.23
C GLU B 193 -17.13 0.56 3.42
N GLN B 194 -17.02 0.63 2.10
CA GLN B 194 -18.18 0.46 1.23
C GLN B 194 -18.60 -1.00 1.15
N ALA B 195 -17.63 -1.91 1.20
CA ALA B 195 -17.92 -3.34 1.13
C ALA B 195 -18.63 -3.84 2.38
N THR B 196 -18.16 -3.44 3.55
CA THR B 196 -18.77 -3.89 4.81
C THR B 196 -20.14 -3.27 5.00
N MET B 197 -20.30 -2.04 4.51
CA MET B 197 -21.58 -1.32 4.61
C MET B 197 -22.72 -2.10 3.94
N ASP B 198 -22.38 -2.87 2.92
CA ASP B 198 -23.37 -3.65 2.19
C ASP B 198 -23.42 -5.09 2.68
N LEU B 199 -22.33 -5.55 3.28
CA LEU B 199 -22.23 -6.94 3.73
C LEU B 199 -23.06 -7.23 4.98
N ARG B 200 -23.52 -6.17 5.65
CA ARG B 200 -24.42 -6.37 6.77
C ARG B 200 -25.84 -6.64 6.28
N HIS B 201 -26.03 -6.58 4.97
CA HIS B 201 -27.27 -6.99 4.34
C HIS B 201 -27.16 -8.45 3.93
N VAL B 202 -26.07 -9.10 4.34
CA VAL B 202 -25.89 -10.52 4.08
C VAL B 202 -25.94 -11.32 5.37
N ARG B 203 -26.87 -12.27 5.45
CA ARG B 203 -27.03 -13.10 6.63
C ARG B 203 -26.42 -14.48 6.42
N SER B 204 -25.54 -14.87 7.34
CA SER B 204 -24.86 -16.16 7.24
C SER B 204 -25.60 -17.26 7.99
N ASN B 205 -26.33 -18.09 7.24
CA ASN B 205 -27.01 -19.24 7.80
C ASN B 205 -26.00 -20.23 8.40
N TYR B 206 -26.45 -21.04 9.35
CA TYR B 206 -25.55 -21.93 10.08
C TYR B 206 -25.00 -23.06 9.23
N LEU B 207 -25.88 -23.99 8.84
CA LEU B 207 -25.51 -25.14 8.03
C LEU B 207 -24.45 -26.04 8.68
N TYR B 208 -24.86 -26.81 9.68
CA TYR B 208 -24.00 -27.82 10.29
C TYR B 208 -24.78 -29.09 10.57
N ASN B 209 -24.12 -30.23 10.41
CA ASN B 209 -24.76 -31.52 10.64
C ASN B 209 -23.74 -32.63 10.86
N GLU B 210 -24.08 -33.56 11.73
CA GLU B 210 -23.21 -34.71 11.99
C GLU B 210 -24.03 -35.98 12.23
N GLY B 211 -23.40 -37.12 12.07
CA GLY B 211 -24.08 -38.40 12.20
C GLY B 211 -23.41 -39.48 11.38
N TYR B 212 -23.84 -40.72 11.58
CA TYR B 212 -23.27 -41.84 10.87
C TYR B 212 -24.00 -42.09 9.56
N LEU B 213 -23.24 -42.40 8.52
CA LEU B 213 -23.81 -42.79 7.23
C LEU B 213 -22.94 -43.88 6.60
N TYR B 214 -23.54 -44.67 5.72
CA TYR B 214 -22.83 -45.74 5.04
C TYR B 214 -22.30 -45.25 3.68
N ARG B 215 -21.02 -45.49 3.42
CA ARG B 215 -20.40 -45.06 2.18
C ARG B 215 -19.78 -46.24 1.44
N LEU B 216 -19.96 -46.28 0.13
CA LEU B 216 -19.33 -47.31 -0.69
C LEU B 216 -17.95 -46.87 -1.14
N GLU B 217 -16.94 -47.60 -0.66
CA GLU B 217 -15.56 -47.34 -1.04
C GLU B 217 -14.93 -48.65 -1.50
N ASP B 218 -14.41 -48.66 -2.72
CA ASP B 218 -13.88 -49.87 -3.36
C ASP B 218 -14.96 -50.94 -3.45
N SER B 219 -14.66 -52.13 -2.93
CA SER B 219 -15.61 -53.23 -2.96
C SER B 219 -16.30 -53.42 -1.60
N SER B 220 -16.02 -52.51 -0.67
CA SER B 220 -16.49 -52.65 0.70
C SER B 220 -17.34 -51.47 1.17
N ILE B 221 -18.41 -51.79 1.89
CA ILE B 221 -19.32 -50.78 2.43
C ILE B 221 -19.29 -50.80 3.96
N ARG B 222 -19.11 -49.63 4.56
CA ARG B 222 -19.05 -49.54 6.02
C ARG B 222 -19.51 -48.17 6.51
N ARG B 223 -20.04 -48.13 7.73
CA ARG B 223 -20.56 -46.87 8.26
C ARG B 223 -19.41 -45.98 8.73
N ARG B 224 -19.49 -44.70 8.33
CA ARG B 224 -18.49 -43.73 8.72
C ARG B 224 -19.20 -42.57 9.40
N PHE B 225 -18.51 -41.87 10.29
CA PHE B 225 -19.09 -40.70 10.92
C PHE B 225 -18.81 -39.45 10.09
N VAL B 226 -19.79 -39.07 9.28
CA VAL B 226 -19.63 -37.90 8.42
C VAL B 226 -20.08 -36.64 9.14
N VAL B 227 -19.43 -35.52 8.83
CA VAL B 227 -19.78 -34.23 9.41
C VAL B 227 -19.72 -33.11 8.39
N LEU B 228 -20.78 -32.31 8.36
CA LEU B 228 -20.93 -31.24 7.36
C LEU B 228 -20.72 -29.86 7.96
N ARG B 229 -19.68 -29.17 7.51
CA ARG B 229 -19.47 -27.78 7.86
C ARG B 229 -19.43 -26.97 6.57
N SER B 230 -20.27 -25.94 6.49
CA SER B 230 -20.43 -25.17 5.26
C SER B 230 -20.83 -26.11 4.12
N LYS B 231 -19.96 -26.22 3.11
CA LYS B 231 -20.22 -27.12 1.99
C LYS B 231 -19.23 -28.29 1.99
N GLN B 232 -18.50 -28.43 3.09
CA GLN B 232 -17.45 -29.46 3.16
C GLN B 232 -17.85 -30.63 4.05
N LEU B 233 -17.67 -31.84 3.52
CA LEU B 233 -17.94 -33.06 4.27
C LEU B 233 -16.65 -33.72 4.73
N ASN B 234 -16.60 -34.06 6.02
CA ASN B 234 -15.41 -34.71 6.58
C ASN B 234 -15.71 -36.10 7.11
N PHE B 235 -14.97 -37.09 6.63
CA PHE B 235 -15.21 -38.47 7.01
C PHE B 235 -14.29 -38.94 8.13
N TYR B 236 -14.83 -39.83 8.97
CA TYR B 236 -14.09 -40.40 10.09
C TYR B 236 -14.50 -41.85 10.30
N ALA B 237 -13.65 -42.62 10.97
CA ALA B 237 -13.98 -43.99 11.32
C ALA B 237 -15.01 -44.01 12.44
N GLU B 238 -14.94 -43.00 13.30
CA GLU B 238 -15.82 -42.89 14.46
C GLU B 238 -15.91 -41.42 14.87
N LYS B 239 -16.55 -41.13 16.00
CA LYS B 239 -16.65 -39.75 16.48
C LYS B 239 -15.27 -39.13 16.66
N GLY B 240 -14.34 -39.93 17.20
CA GLY B 240 -12.94 -39.53 17.23
C GLY B 240 -12.25 -40.11 16.01
N GLY B 241 -11.51 -41.20 16.20
CA GLY B 241 -10.89 -41.92 15.10
C GLY B 241 -9.91 -41.12 14.27
N GLN B 242 -10.02 -41.27 12.95
CA GLN B 242 -9.06 -40.65 12.04
C GLN B 242 -9.74 -39.85 10.94
N TYR B 243 -9.01 -38.86 10.41
CA TYR B 243 -9.49 -38.05 9.29
C TYR B 243 -9.26 -38.81 7.98
N LEU B 244 -10.26 -39.59 7.58
CA LEU B 244 -10.13 -40.44 6.40
C LEU B 244 -9.89 -39.63 5.14
N ASP B 245 -10.87 -38.79 4.80
CA ASP B 245 -10.76 -37.94 3.62
C ASP B 245 -11.78 -36.81 3.70
N THR B 246 -11.99 -36.12 2.57
CA THR B 246 -12.92 -35.01 2.53
C THR B 246 -13.72 -35.00 1.23
N PHE B 247 -14.74 -34.15 1.17
CA PHE B 247 -15.57 -34.04 -0.02
C PHE B 247 -16.25 -32.69 -0.07
N GLN B 248 -15.64 -31.77 -0.80
CA GLN B 248 -16.18 -30.41 -0.92
C GLN B 248 -17.37 -30.38 -1.89
N LEU B 249 -18.57 -30.24 -1.34
CA LEU B 249 -19.79 -30.23 -2.15
C LEU B 249 -19.80 -29.15 -3.22
N SER B 250 -20.29 -29.51 -4.39
CA SER B 250 -20.45 -28.56 -5.48
C SER B 250 -21.55 -27.56 -5.14
N LYS B 251 -21.42 -26.35 -5.66
CA LYS B 251 -22.43 -25.32 -5.46
C LYS B 251 -23.30 -25.21 -6.70
N THR B 252 -22.93 -25.97 -7.72
CA THR B 252 -23.67 -25.98 -8.98
C THR B 252 -24.71 -27.10 -8.98
N VAL B 253 -24.23 -28.34 -8.88
CA VAL B 253 -25.13 -29.48 -8.88
C VAL B 253 -25.68 -29.80 -7.48
N VAL B 254 -26.99 -29.99 -7.41
CA VAL B 254 -27.68 -30.26 -6.17
C VAL B 254 -27.46 -31.72 -5.76
N SER B 255 -27.28 -31.97 -4.46
CA SER B 255 -27.22 -33.34 -3.96
C SER B 255 -28.59 -33.98 -4.15
N ILE B 256 -28.60 -35.11 -4.85
CA ILE B 256 -29.85 -35.74 -5.23
C ILE B 256 -30.04 -37.06 -4.46
N PRO B 257 -31.28 -37.39 -4.09
CA PRO B 257 -31.55 -38.69 -3.47
C PRO B 257 -31.43 -39.83 -4.49
N MET B 258 -31.41 -41.06 -4.00
CA MET B 258 -31.32 -42.23 -4.87
C MET B 258 -32.65 -42.96 -4.98
N VAL B 259 -32.93 -43.52 -6.14
CA VAL B 259 -34.18 -44.23 -6.39
C VAL B 259 -33.91 -45.71 -6.63
N ASN B 260 -32.73 -46.03 -7.14
CA ASN B 260 -32.35 -47.42 -7.36
C ASN B 260 -31.20 -47.81 -6.44
N PHE B 261 -31.23 -49.04 -5.93
CA PHE B 261 -30.22 -49.51 -5.00
C PHE B 261 -29.66 -50.87 -5.38
N SER B 262 -28.37 -51.07 -5.10
CA SER B 262 -27.73 -52.36 -5.34
C SER B 262 -28.38 -53.44 -4.48
N GLU B 263 -28.41 -54.67 -4.99
CA GLU B 263 -28.95 -55.78 -4.23
C GLU B 263 -28.08 -56.07 -3.02
N ALA B 264 -26.84 -55.61 -3.07
CA ALA B 264 -25.90 -55.80 -1.97
C ALA B 264 -26.09 -54.75 -0.88
N VAL B 265 -26.59 -53.57 -1.26
CA VAL B 265 -26.81 -52.51 -0.30
C VAL B 265 -28.21 -52.58 0.33
N SER B 266 -29.16 -53.17 -0.39
CA SER B 266 -30.48 -53.43 0.17
C SER B 266 -30.35 -54.61 1.14
N ASN B 267 -29.34 -55.43 0.87
CA ASN B 267 -29.08 -56.62 1.69
C ASN B 267 -28.51 -56.27 3.06
N LEU B 268 -28.16 -54.99 3.24
CA LEU B 268 -27.57 -54.53 4.50
C LEU B 268 -28.59 -53.78 5.34
N GLY B 269 -29.80 -53.64 4.81
CA GLY B 269 -30.86 -52.94 5.52
C GLY B 269 -30.86 -51.45 5.23
N LEU B 270 -30.19 -51.05 4.15
CA LEU B 270 -30.16 -49.65 3.74
C LEU B 270 -31.34 -49.33 2.83
N VAL B 271 -32.18 -48.38 3.26
CA VAL B 271 -33.39 -48.05 2.53
C VAL B 271 -33.19 -46.85 1.60
N ALA B 272 -32.62 -45.76 2.12
CA ALA B 272 -32.46 -44.55 1.35
C ALA B 272 -30.99 -44.24 1.05
N GLY B 273 -30.76 -43.42 0.03
CA GLY B 273 -29.41 -43.08 -0.38
C GLY B 273 -29.26 -41.69 -0.95
N ILE B 274 -28.06 -41.14 -0.84
CA ILE B 274 -27.78 -39.79 -1.31
C ILE B 274 -26.63 -39.76 -2.31
N LEU B 275 -26.89 -39.18 -3.48
CA LEU B 275 -25.84 -38.97 -4.48
C LEU B 275 -25.35 -37.53 -4.43
N ALA B 276 -24.15 -37.34 -3.87
CA ALA B 276 -23.58 -36.00 -3.76
C ALA B 276 -22.37 -35.85 -4.68
N THR B 277 -22.27 -34.70 -5.36
CA THR B 277 -21.17 -34.44 -6.27
C THR B 277 -20.31 -33.28 -5.75
N SER B 278 -19.00 -33.40 -5.90
CA SER B 278 -18.09 -32.35 -5.45
C SER B 278 -17.85 -31.31 -6.53
N VAL B 279 -16.96 -30.37 -6.26
CA VAL B 279 -16.64 -29.35 -7.26
C VAL B 279 -15.72 -29.93 -8.33
N ASP B 280 -15.06 -31.03 -8.00
CA ASP B 280 -14.11 -31.66 -8.91
C ASP B 280 -14.81 -32.68 -9.83
N ARG B 281 -16.13 -32.61 -9.86
CA ARG B 281 -16.94 -33.49 -10.71
C ARG B 281 -16.82 -34.97 -10.37
N ARG B 282 -16.37 -35.28 -9.16
CA ARG B 282 -16.31 -36.65 -8.68
C ARG B 282 -17.49 -36.93 -7.75
N HIS B 283 -17.93 -38.18 -7.70
CA HIS B 283 -19.15 -38.52 -6.97
C HIS B 283 -18.91 -39.36 -5.71
N VAL B 284 -19.87 -39.31 -4.79
CA VAL B 284 -19.83 -40.13 -3.59
C VAL B 284 -21.22 -40.72 -3.32
N GLN B 285 -21.27 -41.95 -2.82
CA GLN B 285 -22.54 -42.58 -2.49
C GLN B 285 -22.71 -42.76 -0.99
N LEU B 286 -23.75 -42.12 -0.45
CA LEU B 286 -24.04 -42.21 0.98
C LEU B 286 -25.39 -42.89 1.22
N PHE B 287 -25.44 -43.74 2.24
CA PHE B 287 -26.66 -44.49 2.53
C PHE B 287 -27.02 -44.40 4.01
N ALA B 288 -28.25 -44.80 4.31
CA ALA B 288 -28.74 -44.87 5.68
C ALA B 288 -29.87 -45.89 5.75
N ASP B 289 -30.04 -46.50 6.92
CA ASP B 289 -31.11 -47.49 7.12
C ASP B 289 -32.44 -46.81 7.42
N SER B 290 -32.52 -45.53 7.08
CA SER B 290 -33.71 -44.73 7.36
C SER B 290 -33.91 -43.68 6.28
N LYS B 291 -35.11 -43.64 5.71
CA LYS B 291 -35.48 -42.63 4.73
C LYS B 291 -35.42 -41.23 5.33
N LYS B 292 -35.84 -41.12 6.60
CA LYS B 292 -35.89 -39.85 7.29
C LYS B 292 -34.50 -39.23 7.48
N VAL B 293 -33.50 -40.07 7.68
CA VAL B 293 -32.13 -39.60 7.88
C VAL B 293 -31.56 -38.96 6.62
N CYS B 294 -31.77 -39.61 5.47
CA CYS B 294 -31.32 -39.06 4.20
C CYS B 294 -32.00 -37.73 3.87
N GLN B 295 -33.27 -37.61 4.22
CA GLN B 295 -34.01 -36.36 4.00
C GLN B 295 -33.45 -35.26 4.89
N LYS B 296 -32.93 -35.66 6.05
CA LYS B 296 -32.32 -34.72 6.97
C LYS B 296 -31.02 -34.14 6.39
N TRP B 297 -30.19 -35.01 5.81
CA TRP B 297 -28.94 -34.58 5.22
C TRP B 297 -29.16 -33.75 3.96
N LEU B 298 -29.98 -34.25 3.05
CA LEU B 298 -30.30 -33.54 1.82
C LEU B 298 -30.86 -32.15 2.08
N GLN B 299 -31.54 -31.98 3.20
CA GLN B 299 -32.13 -30.69 3.54
C GLN B 299 -31.04 -29.68 3.87
N VAL B 300 -30.07 -30.09 4.69
CA VAL B 300 -29.06 -29.19 5.20
C VAL B 300 -27.89 -29.01 4.23
N MET B 301 -27.62 -30.03 3.42
CA MET B 301 -26.50 -29.99 2.49
C MET B 301 -26.88 -29.40 1.14
N ASN B 302 -28.16 -29.03 1.00
CA ASN B 302 -28.62 -28.36 -0.20
C ASN B 302 -29.24 -26.99 0.11
N SER B 303 -28.80 -26.39 1.23
CA SER B 303 -29.31 -25.08 1.63
C SER B 303 -28.26 -23.99 1.41
N ARG B 304 -28.73 -22.76 1.21
CA ARG B 304 -27.83 -21.62 1.02
C ARG B 304 -27.01 -21.35 2.27
N SER B 305 -25.74 -21.03 2.09
CA SER B 305 -24.87 -20.70 3.21
C SER B 305 -25.04 -19.22 3.58
N PHE B 306 -25.59 -18.44 2.66
CA PHE B 306 -25.81 -17.02 2.88
C PHE B 306 -27.16 -16.57 2.32
N ALA B 307 -27.67 -15.46 2.83
CA ALA B 307 -28.99 -14.98 2.42
C ALA B 307 -29.04 -13.46 2.37
N LEU B 308 -29.91 -12.93 1.52
CA LEU B 308 -30.00 -11.49 1.32
C LEU B 308 -31.24 -10.90 2.00
N ASP B 309 -31.02 -9.86 2.80
CA ASP B 309 -32.11 -9.20 3.52
C ASP B 309 -33.05 -8.51 2.54
N ARG B 310 -34.31 -8.38 2.94
CA ARG B 310 -35.28 -7.63 2.14
C ARG B 310 -35.22 -6.14 2.47
N GLY B 311 -34.89 -5.32 1.49
CA GLY B 311 -34.59 -5.79 0.15
C GLY B 311 -33.42 -5.03 -0.45
N THR B 312 -32.30 -5.73 -0.65
CA THR B 312 -31.11 -5.11 -1.22
C THR B 312 -31.17 -5.17 -2.74
N GLU B 313 -31.06 -4.01 -3.37
CA GLU B 313 -31.16 -3.93 -4.83
C GLU B 313 -29.79 -3.93 -5.48
N LYS B 314 -28.74 -3.99 -4.66
CA LYS B 314 -27.38 -4.02 -5.19
C LYS B 314 -27.09 -5.32 -5.93
N LEU B 315 -26.55 -5.18 -7.13
CA LEU B 315 -26.36 -6.32 -8.02
C LEU B 315 -25.23 -7.25 -7.56
N TRP B 316 -24.24 -6.69 -6.87
CA TRP B 316 -23.08 -7.47 -6.50
C TRP B 316 -23.33 -8.32 -5.26
N LEU B 317 -24.23 -7.86 -4.40
CA LEU B 317 -24.59 -8.62 -3.20
C LEU B 317 -25.33 -9.88 -3.59
N GLN B 318 -26.12 -9.79 -4.66
CA GLN B 318 -26.88 -10.93 -5.17
C GLN B 318 -25.95 -12.00 -5.72
N GLU B 319 -24.93 -11.56 -6.46
CA GLU B 319 -24.00 -12.48 -7.10
C GLU B 319 -23.11 -13.18 -6.09
N TYR B 320 -22.84 -12.52 -4.97
CA TYR B 320 -22.06 -13.11 -3.89
C TYR B 320 -22.79 -14.29 -3.27
N VAL B 321 -24.08 -14.11 -3.00
CA VAL B 321 -24.90 -15.17 -2.44
C VAL B 321 -25.00 -16.33 -3.43
N ASN B 322 -25.17 -16.00 -4.71
CA ASN B 322 -25.23 -17.01 -5.76
C ASN B 322 -23.90 -17.74 -5.95
N PHE B 323 -22.82 -17.17 -5.42
CA PHE B 323 -21.51 -17.79 -5.53
C PHE B 323 -21.31 -18.83 -4.43
N MET B 324 -22.18 -18.80 -3.42
CA MET B 324 -22.13 -19.75 -2.31
C MET B 324 -23.53 -20.09 -1.81
N PRO C 5 -5.33 -10.22 -29.52
CA PRO C 5 -3.89 -10.11 -29.25
C PRO C 5 -3.51 -8.70 -28.77
N LEU C 6 -3.69 -8.46 -27.48
CA LEU C 6 -3.36 -7.15 -26.90
C LEU C 6 -1.97 -7.13 -26.27
N PRO C 7 -1.12 -6.19 -26.74
CA PRO C 7 0.25 -6.03 -26.24
C PRO C 7 0.27 -5.59 -24.78
N LEU C 8 1.18 -6.15 -23.99
CA LEU C 8 1.31 -5.79 -22.59
C LEU C 8 2.59 -4.99 -22.38
N GLY C 9 2.83 -4.56 -21.14
CA GLY C 9 4.02 -3.80 -20.81
C GLY C 9 4.09 -3.30 -19.39
N ARG C 10 4.89 -2.26 -19.17
CA ARG C 10 5.01 -1.63 -17.85
C ARG C 10 4.86 -0.12 -18.00
N PHE C 11 3.84 0.44 -17.36
CA PHE C 11 3.58 1.87 -17.44
C PHE C 11 4.01 2.56 -16.14
N TYR C 12 5.06 3.38 -16.22
CA TYR C 12 5.55 4.07 -15.05
C TYR C 12 5.00 5.50 -14.96
N ILE C 13 4.37 5.82 -13.84
CA ILE C 13 3.83 7.16 -13.60
C ILE C 13 4.48 7.81 -12.38
N HIS C 14 4.75 9.11 -12.48
CA HIS C 14 5.23 9.87 -11.34
C HIS C 14 4.54 11.24 -11.29
N LEU C 15 3.54 11.36 -10.43
CA LEU C 15 2.83 12.62 -10.24
C LEU C 15 3.77 13.71 -9.74
N ASN C 16 3.63 14.91 -10.29
CA ASN C 16 4.52 16.01 -9.94
C ASN C 16 3.83 17.10 -9.12
N SER C 17 2.78 17.70 -9.67
CA SER C 17 2.10 18.81 -9.01
C SER C 17 0.73 19.10 -9.60
N ILE C 18 0.01 20.03 -8.97
CA ILE C 18 -1.25 20.54 -9.50
C ILE C 18 -1.10 22.01 -9.83
N LEU C 19 -1.50 22.39 -11.03
CA LEU C 19 -1.36 23.79 -11.47
C LEU C 19 -2.72 24.46 -11.68
N ASN C 20 -2.71 25.79 -11.71
CA ASN C 20 -3.91 26.60 -11.92
C ASN C 20 -4.96 26.42 -10.84
N ILE C 21 -4.50 26.26 -9.60
CA ILE C 21 -5.39 26.07 -8.46
C ILE C 21 -4.88 26.79 -7.22
N SER C 22 -5.74 27.61 -6.60
CA SER C 22 -5.39 28.29 -5.37
C SER C 22 -5.99 27.59 -4.16
N ILE C 23 -5.24 26.66 -3.59
CA ILE C 23 -5.69 25.93 -2.40
C ILE C 23 -5.67 26.85 -1.17
N SER C 24 -6.63 26.67 -0.27
CA SER C 24 -6.86 27.61 0.83
C SER C 24 -5.77 27.64 1.90
N GLU C 25 -4.92 26.61 1.92
CA GLU C 25 -3.89 26.42 2.94
C GLU C 25 -4.48 26.07 4.31
N VAL C 26 -5.81 26.11 4.42
CA VAL C 26 -6.49 25.62 5.59
C VAL C 26 -6.29 24.11 5.65
N HIS C 27 -5.89 23.60 6.82
CA HIS C 27 -5.60 22.19 6.98
C HIS C 27 -6.82 21.28 6.80
N SER C 28 -7.38 21.29 5.60
CA SER C 28 -8.49 20.41 5.25
C SER C 28 -7.92 19.07 4.78
N PRO C 29 -8.69 17.98 4.97
CA PRO C 29 -8.24 16.67 4.46
C PRO C 29 -8.66 16.46 3.02
N ILE C 30 -7.70 16.18 2.15
CA ILE C 30 -8.00 15.93 0.74
C ILE C 30 -7.50 14.56 0.27
N LYS C 31 -8.41 13.78 -0.29
CA LYS C 31 -8.09 12.43 -0.75
C LYS C 31 -7.85 12.35 -2.25
N ILE C 32 -6.79 11.65 -2.62
CA ILE C 32 -6.55 11.33 -4.03
C ILE C 32 -6.96 9.88 -4.27
N ILE C 33 -7.78 9.67 -5.31
CA ILE C 33 -8.21 8.32 -5.66
C ILE C 33 -7.64 7.89 -7.00
N VAL C 34 -6.77 6.89 -6.96
CA VAL C 34 -6.14 6.35 -8.15
C VAL C 34 -6.86 5.07 -8.57
N ASN C 35 -7.48 5.09 -9.75
CA ASN C 35 -8.25 3.94 -10.22
C ASN C 35 -7.81 3.41 -11.58
N THR C 36 -7.04 2.33 -11.56
CA THR C 36 -6.67 1.62 -12.78
C THR C 36 -7.74 0.56 -13.02
N PRO C 37 -7.77 -0.04 -14.23
CA PRO C 37 -8.79 -1.08 -14.42
C PRO C 37 -8.53 -2.33 -13.58
N THR C 38 -7.34 -2.43 -12.99
CA THR C 38 -6.94 -3.65 -12.29
C THR C 38 -6.77 -3.45 -10.77
N GLN C 39 -7.00 -2.23 -10.29
CA GLN C 39 -6.92 -1.92 -8.87
C GLN C 39 -7.53 -0.57 -8.52
N ASN C 40 -7.51 -0.23 -7.23
CA ASN C 40 -8.04 1.04 -6.76
C ASN C 40 -7.46 1.41 -5.41
N MET C 41 -7.04 2.66 -5.26
CA MET C 41 -6.46 3.10 -4.01
C MET C 41 -6.91 4.52 -3.65
N GLN C 42 -7.04 4.77 -2.36
CA GLN C 42 -7.41 6.09 -1.86
C GLN C 42 -6.39 6.54 -0.84
N LEU C 43 -6.09 7.83 -0.84
CA LEU C 43 -4.92 8.31 -0.11
C LEU C 43 -5.07 9.75 0.37
N PRO C 44 -4.77 9.98 1.66
CA PRO C 44 -4.74 11.34 2.20
C PRO C 44 -3.56 12.12 1.62
N TRP C 45 -3.84 13.26 0.97
CA TRP C 45 -2.80 14.09 0.38
C TRP C 45 -2.71 15.42 1.13
N GLN C 46 -1.51 15.97 1.23
CA GLN C 46 -1.30 17.18 2.01
C GLN C 46 -0.52 18.25 1.25
N ALA C 47 -1.23 19.25 0.73
CA ALA C 47 -0.58 20.37 0.06
C ALA C 47 0.19 21.20 1.09
N VAL C 48 1.50 20.98 1.18
CA VAL C 48 2.31 21.63 2.19
C VAL C 48 3.37 22.55 1.58
N ASN C 49 3.82 22.21 0.37
CA ASN C 49 4.87 22.95 -0.30
C ASN C 49 4.53 24.41 -0.61
N GLY C 50 3.32 24.64 -1.09
CA GLY C 50 2.96 25.92 -1.66
C GLY C 50 3.07 25.82 -3.16
N ASN C 51 3.91 24.88 -3.60
CA ASN C 51 4.02 24.53 -5.01
C ASN C 51 3.16 23.31 -5.31
N ASN C 52 2.47 22.82 -4.28
CA ASN C 52 1.56 21.68 -4.38
C ASN C 52 2.24 20.41 -4.89
N ARG C 53 3.43 20.14 -4.37
CA ARG C 53 4.25 19.02 -4.83
C ARG C 53 3.68 17.66 -4.41
N LEU C 54 3.17 16.91 -5.38
CA LEU C 54 2.60 15.58 -5.15
C LEU C 54 3.67 14.52 -4.87
N ASP C 55 4.52 14.29 -5.87
CA ASP C 55 5.69 13.41 -5.74
C ASP C 55 5.36 11.95 -5.46
N HIS C 56 4.22 11.48 -5.96
CA HIS C 56 3.84 10.09 -5.84
C HIS C 56 4.45 9.26 -6.97
N ASP C 57 4.63 7.96 -6.72
CA ASP C 57 5.24 7.07 -7.71
C ASP C 57 4.35 5.86 -7.99
N PHE C 58 4.30 5.45 -9.26
CA PHE C 58 3.56 4.26 -9.65
C PHE C 58 4.30 3.47 -10.72
N ALA C 59 4.00 2.17 -10.80
CA ALA C 59 4.57 1.31 -11.82
C ALA C 59 3.56 0.20 -12.13
N PHE C 60 2.81 0.38 -13.20
CA PHE C 60 1.68 -0.50 -13.49
C PHE C 60 2.00 -1.59 -14.53
N HIS C 61 1.81 -2.85 -14.14
CA HIS C 61 1.76 -3.94 -15.09
C HIS C 61 0.52 -3.68 -15.94
N VAL C 62 0.71 -3.58 -17.25
CA VAL C 62 -0.29 -2.93 -18.08
C VAL C 62 -0.49 -3.62 -19.44
N ASP C 63 -1.68 -3.48 -20.01
CA ASP C 63 -1.91 -3.87 -21.40
C ASP C 63 -2.26 -2.62 -22.21
N ASP C 64 -2.68 -2.83 -23.45
CA ASP C 64 -2.83 -1.71 -24.38
C ASP C 64 -3.99 -0.77 -24.08
N ASN C 65 -5.12 -1.31 -23.62
CA ASN C 65 -6.32 -0.49 -23.42
C ASN C 65 -6.40 0.18 -22.05
N PHE C 66 -5.25 0.53 -21.49
CA PHE C 66 -5.16 1.10 -20.15
C PHE C 66 -5.86 2.45 -20.04
N LYS C 67 -6.18 2.83 -18.81
CA LYS C 67 -6.84 4.09 -18.53
C LYS C 67 -6.82 4.37 -17.02
N VAL C 68 -5.76 5.02 -16.55
CA VAL C 68 -5.65 5.37 -15.14
C VAL C 68 -6.45 6.64 -14.85
N SER C 69 -7.12 6.67 -13.69
CA SER C 69 -7.92 7.83 -13.34
C SER C 69 -7.47 8.43 -11.99
N PHE C 70 -7.28 9.75 -11.97
CA PHE C 70 -6.88 10.44 -10.75
C PHE C 70 -7.99 11.38 -10.28
N MET C 71 -8.55 11.10 -9.11
CA MET C 71 -9.62 11.93 -8.55
C MET C 71 -9.19 12.62 -7.27
N PHE C 72 -9.38 13.94 -7.22
CA PHE C 72 -9.09 14.72 -6.02
C PHE C 72 -10.39 15.18 -5.40
N LEU C 73 -10.59 14.84 -4.12
CA LEU C 73 -11.85 15.12 -3.44
C LEU C 73 -11.78 16.24 -2.42
N ASP C 74 -12.80 17.10 -2.44
CA ASP C 74 -13.00 18.13 -1.43
C ASP C 74 -11.82 19.08 -1.24
N ILE C 75 -11.30 19.60 -2.35
CA ILE C 75 -10.18 20.53 -2.31
C ILE C 75 -10.62 21.90 -1.81
N PRO C 76 -9.94 22.41 -0.77
CA PRO C 76 -10.27 23.72 -0.22
C PRO C 76 -9.75 24.89 -1.05
N ILE C 77 -10.66 25.59 -1.74
CA ILE C 77 -10.32 26.79 -2.48
C ILE C 77 -11.26 27.93 -2.13
N GLU C 78 -10.84 29.16 -2.39
CA GLU C 78 -11.66 30.33 -2.08
C GLU C 78 -12.17 31.01 -3.34
N ASP C 79 -13.26 31.78 -3.19
CA ASP C 79 -13.85 32.48 -4.33
C ASP C 79 -13.00 33.66 -4.76
N VAL C 117 -16.75 30.86 3.49
CA VAL C 117 -15.44 31.45 3.24
C VAL C 117 -14.63 30.56 2.29
N ILE C 118 -14.83 29.25 2.40
CA ILE C 118 -14.07 28.29 1.60
C ILE C 118 -14.97 27.36 0.80
N LYS C 119 -14.72 27.31 -0.52
CA LYS C 119 -15.46 26.42 -1.41
C LYS C 119 -14.68 25.13 -1.65
N LYS C 120 -15.36 24.00 -1.45
CA LYS C 120 -14.72 22.70 -1.68
C LYS C 120 -15.25 22.04 -2.96
N VAL C 121 -14.36 21.81 -3.92
CA VAL C 121 -14.74 21.16 -5.17
C VAL C 121 -13.86 19.94 -5.45
N SER C 122 -14.39 19.02 -6.25
CA SER C 122 -13.67 17.80 -6.58
C SER C 122 -13.62 17.61 -8.10
N GLY C 123 -12.53 17.02 -8.57
CA GLY C 123 -12.35 16.80 -10.00
C GLY C 123 -11.61 15.52 -10.32
N THR C 124 -11.65 15.12 -11.58
CA THR C 124 -11.03 13.88 -12.01
C THR C 124 -10.13 14.09 -13.23
N ALA C 125 -8.97 13.46 -13.21
CA ALA C 125 -8.02 13.57 -14.31
C ALA C 125 -7.61 12.18 -14.81
N THR C 126 -8.08 11.82 -15.99
CA THR C 126 -7.80 10.52 -16.58
C THR C 126 -6.58 10.56 -17.52
N LEU C 127 -5.87 9.44 -17.62
CA LEU C 127 -4.72 9.34 -18.49
C LEU C 127 -4.75 8.06 -19.30
N ASN C 128 -4.85 8.20 -20.61
CA ASN C 128 -4.94 7.06 -21.51
C ASN C 128 -3.55 6.63 -21.98
N LEU C 129 -3.27 5.33 -21.96
CA LEU C 129 -1.98 4.82 -22.40
C LEU C 129 -1.87 4.90 -23.92
N GLY C 130 -2.98 4.70 -24.62
CA GLY C 130 -3.01 4.76 -26.07
C GLY C 130 -2.70 6.15 -26.62
N ASN C 131 -2.82 7.17 -25.78
CA ASN C 131 -2.60 8.54 -26.20
C ASN C 131 -1.20 9.07 -25.89
N VAL C 132 -0.42 8.32 -25.12
CA VAL C 132 0.91 8.78 -24.74
C VAL C 132 2.03 7.77 -24.95
N LYS C 133 1.67 6.53 -25.28
CA LYS C 133 2.68 5.48 -25.44
C LYS C 133 3.58 5.74 -26.65
N ASP C 134 3.05 6.49 -27.62
CA ASP C 134 3.83 6.87 -28.79
C ASP C 134 4.85 7.94 -28.45
N SER C 135 4.57 8.72 -27.41
CA SER C 135 5.45 9.79 -26.97
C SER C 135 6.32 9.39 -25.78
N CYS C 136 6.05 8.24 -25.19
CA CYS C 136 6.81 7.81 -24.02
C CYS C 136 7.31 6.37 -24.13
N PHE C 137 7.42 5.86 -25.35
CA PHE C 137 7.91 4.52 -25.58
C PHE C 137 9.42 4.46 -25.36
N GLY C 138 9.82 3.98 -24.19
CA GLY C 138 11.23 3.87 -23.86
C GLY C 138 11.87 5.21 -23.54
N LYS C 139 11.06 6.19 -23.18
CA LYS C 139 11.57 7.50 -22.79
C LYS C 139 10.55 8.26 -21.93
N ALA C 140 11.05 9.05 -21.00
CA ALA C 140 10.19 9.85 -20.14
C ALA C 140 9.43 10.88 -20.97
N PHE C 141 8.26 11.29 -20.47
CA PHE C 141 7.39 12.20 -21.20
C PHE C 141 6.50 13.00 -20.26
N ASN C 142 6.79 14.29 -20.11
CA ASN C 142 6.04 15.16 -19.22
C ASN C 142 4.67 15.53 -19.78
N VAL C 143 3.61 15.17 -19.07
CA VAL C 143 2.25 15.40 -19.54
C VAL C 143 1.51 16.42 -18.67
N GLU C 144 0.57 17.13 -19.28
CA GLU C 144 -0.33 18.03 -18.54
C GLU C 144 -1.77 17.64 -18.87
N ILE C 145 -2.48 17.17 -17.86
CA ILE C 145 -3.83 16.66 -18.05
C ILE C 145 -4.82 17.44 -17.17
N PRO C 146 -5.97 17.85 -17.76
CA PRO C 146 -6.94 18.67 -17.02
C PRO C 146 -7.70 17.89 -15.95
N ILE C 147 -7.93 18.53 -14.81
CA ILE C 147 -8.74 17.96 -13.76
C ILE C 147 -10.18 18.46 -13.93
N ILE C 148 -11.04 17.61 -14.48
CA ILE C 148 -12.40 17.99 -14.79
C ILE C 148 -13.35 17.79 -13.60
N SER C 149 -14.09 18.85 -13.27
CA SER C 149 -15.07 18.79 -12.18
C SER C 149 -16.17 17.79 -12.50
N ARG C 150 -16.09 16.62 -11.87
CA ARG C 150 -17.09 15.58 -12.06
C ARG C 150 -18.24 15.74 -11.06
N ARG C 166 -15.86 23.53 -16.89
CA ARG C 166 -15.95 22.29 -16.12
C ARG C 166 -14.54 21.83 -15.73
N THR C 167 -13.60 22.76 -15.77
CA THR C 167 -12.21 22.47 -15.43
C THR C 167 -11.74 23.35 -14.28
N LEU C 168 -11.15 22.73 -13.26
CA LEU C 168 -10.69 23.48 -12.10
C LEU C 168 -9.18 23.60 -12.08
N GLY C 169 -8.50 22.47 -12.23
CA GLY C 169 -7.05 22.47 -12.25
C GLY C 169 -6.44 21.68 -13.38
N ASN C 170 -5.11 21.67 -13.42
CA ASN C 170 -4.37 20.87 -14.37
C ASN C 170 -3.31 20.06 -13.64
N LEU C 171 -3.25 18.77 -13.95
CA LEU C 171 -2.33 17.87 -13.27
C LEU C 171 -1.07 17.64 -14.10
N THR C 172 0.09 17.67 -13.46
CA THR C 172 1.35 17.45 -14.14
C THR C 172 2.00 16.15 -13.71
N LEU C 173 2.46 15.37 -14.68
CA LEU C 173 3.12 14.10 -14.41
C LEU C 173 4.15 13.79 -15.48
N THR C 174 5.00 12.80 -15.21
CA THR C 174 5.93 12.29 -16.21
C THR C 174 5.78 10.77 -16.31
N CYS C 175 5.65 10.26 -17.54
CA CYS C 175 5.37 8.84 -17.73
C CYS C 175 6.35 8.14 -18.68
N LEU C 176 6.51 6.84 -18.48
CA LEU C 176 7.47 6.05 -19.25
C LEU C 176 6.90 4.65 -19.53
N TYR C 177 6.81 4.29 -20.80
CA TYR C 177 6.27 2.99 -21.19
C TYR C 177 7.35 2.01 -21.61
N ILE C 178 7.19 0.76 -21.20
CA ILE C 178 8.12 -0.31 -21.54
C ILE C 178 7.34 -1.54 -21.95
N PRO C 179 7.65 -2.09 -23.14
CA PRO C 179 6.98 -3.32 -23.58
C PRO C 179 7.39 -4.51 -22.73
N GLU C 180 6.53 -5.51 -22.63
CA GLU C 180 6.82 -6.70 -21.82
C GLU C 180 8.04 -7.45 -22.34
N LEU C 181 8.97 -7.74 -21.45
CA LEU C 181 10.19 -8.45 -21.80
C LEU C 181 10.26 -9.77 -21.05
N SER C 182 10.80 -10.79 -21.70
CA SER C 182 10.97 -12.09 -21.05
C SER C 182 12.08 -12.05 -20.01
N VAL C 183 11.84 -11.28 -18.95
CA VAL C 183 12.79 -11.12 -17.86
C VAL C 183 12.05 -11.24 -16.52
N PRO C 184 12.65 -11.97 -15.55
CA PRO C 184 12.10 -12.08 -14.20
C PRO C 184 11.65 -10.73 -13.64
N GLU C 185 10.46 -10.69 -13.06
CA GLU C 185 9.83 -9.44 -12.64
C GLU C 185 10.58 -8.72 -11.52
N GLN C 186 11.66 -9.33 -11.04
CA GLN C 186 12.48 -8.74 -9.98
C GLN C 186 13.55 -7.83 -10.59
N GLU C 187 13.97 -8.14 -11.80
CA GLU C 187 15.06 -7.42 -12.46
C GLU C 187 14.62 -6.14 -13.20
N LEU C 188 13.35 -5.78 -13.08
CA LEU C 188 12.86 -4.54 -13.67
C LEU C 188 12.89 -3.41 -12.65
N PRO C 189 13.06 -2.16 -13.13
CA PRO C 189 13.02 -1.01 -12.21
C PRO C 189 11.63 -0.85 -11.59
N PHE C 190 11.56 -0.26 -10.41
CA PHE C 190 10.29 -0.10 -9.71
C PHE C 190 9.74 1.32 -9.79
N THR C 191 10.57 2.24 -10.30
CA THR C 191 10.15 3.63 -10.45
C THR C 191 10.56 4.17 -11.82
N LEU C 192 9.90 5.26 -12.22
CA LEU C 192 10.25 5.95 -13.46
C LEU C 192 11.67 6.50 -13.37
N GLU C 193 12.06 6.88 -12.16
CA GLU C 193 13.40 7.42 -11.90
C GLU C 193 14.46 6.40 -12.28
N GLN C 194 14.27 5.16 -11.87
CA GLN C 194 15.24 4.10 -12.12
C GLN C 194 15.22 3.67 -13.59
N ALA C 195 14.07 3.85 -14.23
CA ALA C 195 13.96 3.52 -15.65
C ALA C 195 14.76 4.49 -16.50
N THR C 196 14.63 5.79 -16.21
CA THR C 196 15.41 6.80 -16.93
C THR C 196 16.89 6.68 -16.58
N MET C 197 17.16 6.37 -15.31
CA MET C 197 18.53 6.22 -14.84
C MET C 197 19.24 5.04 -15.51
N ASP C 198 18.45 4.05 -15.92
CA ASP C 198 18.99 2.88 -16.61
C ASP C 198 19.08 3.09 -18.12
N LEU C 199 18.05 3.73 -18.68
CA LEU C 199 17.95 3.90 -20.13
C LEU C 199 18.98 4.87 -20.73
N ARG C 200 19.75 5.53 -19.87
CA ARG C 200 20.79 6.42 -20.37
C ARG C 200 22.04 5.64 -20.74
N HIS C 201 22.00 4.33 -20.52
CA HIS C 201 23.04 3.43 -20.97
C HIS C 201 22.61 2.76 -22.26
N VAL C 202 21.50 3.22 -22.82
CA VAL C 202 21.02 2.73 -24.10
C VAL C 202 21.09 3.85 -25.14
N ARG C 203 21.82 3.60 -26.22
CA ARG C 203 22.03 4.60 -27.25
C ARG C 203 21.58 4.07 -28.60
N SER C 204 21.05 4.97 -29.43
CA SER C 204 20.62 4.61 -30.77
C SER C 204 21.79 4.64 -31.74
N ASN C 205 21.85 3.63 -32.61
CA ASN C 205 22.95 3.50 -33.56
C ASN C 205 22.70 4.26 -34.86
N TYR C 206 23.78 4.59 -35.56
CA TYR C 206 23.69 5.30 -36.83
C TYR C 206 23.59 4.31 -37.98
N LEU C 207 22.36 3.90 -38.30
CA LEU C 207 22.13 2.93 -39.37
C LEU C 207 22.27 3.56 -40.75
N TYR C 208 23.49 3.95 -41.11
CA TYR C 208 23.75 4.49 -42.44
C TYR C 208 25.21 4.29 -42.86
N ASN C 209 25.41 3.88 -44.12
CA ASN C 209 26.74 3.71 -44.67
C ASN C 209 26.69 3.70 -46.19
N GLU C 210 27.67 4.33 -46.84
CA GLU C 210 27.74 4.38 -48.29
C GLU C 210 29.13 4.06 -48.81
N GLY C 211 29.19 3.53 -50.03
CA GLY C 211 30.46 3.19 -50.66
C GLY C 211 30.27 2.35 -51.90
N TYR C 212 31.35 1.75 -52.37
CA TYR C 212 31.29 0.89 -53.56
C TYR C 212 31.58 -0.56 -53.18
N LEU C 213 30.85 -1.48 -53.80
CA LEU C 213 31.04 -2.90 -53.56
C LEU C 213 30.85 -3.68 -54.85
N TYR C 214 31.27 -4.94 -54.84
CA TYR C 214 31.11 -5.81 -56.01
C TYR C 214 30.06 -6.90 -55.75
N ARG C 215 29.02 -6.91 -56.58
CA ARG C 215 28.04 -7.99 -56.57
C ARG C 215 27.91 -8.59 -57.96
N LEU C 216 27.43 -9.82 -58.03
CA LEU C 216 27.32 -10.51 -59.31
C LEU C 216 25.89 -10.88 -59.68
N GLU C 217 25.50 -10.54 -60.91
CA GLU C 217 24.20 -10.93 -61.44
C GLU C 217 24.39 -11.65 -62.77
N ASP C 218 23.81 -12.84 -62.88
CA ASP C 218 24.00 -13.69 -64.06
C ASP C 218 25.47 -13.95 -64.36
N SER C 219 26.22 -14.29 -63.31
CA SER C 219 27.65 -14.58 -63.42
C SER C 219 28.44 -13.41 -64.03
N SER C 220 28.05 -12.19 -63.66
CA SER C 220 28.72 -10.99 -64.15
C SER C 220 28.95 -10.01 -63.00
N ILE C 221 30.21 -9.62 -62.80
CA ILE C 221 30.57 -8.76 -61.68
C ILE C 221 30.63 -7.29 -62.06
N ARG C 222 30.04 -6.44 -61.22
CA ARG C 222 30.04 -5.00 -61.42
C ARG C 222 30.22 -4.27 -60.09
N ARG C 223 31.06 -3.23 -60.07
CA ARG C 223 31.16 -2.41 -58.88
C ARG C 223 29.99 -1.42 -58.85
N ARG C 224 29.29 -1.39 -57.73
CA ARG C 224 28.09 -0.59 -57.61
C ARG C 224 28.14 0.28 -56.36
N PHE C 225 27.66 1.52 -56.48
CA PHE C 225 27.58 2.41 -55.34
C PHE C 225 26.39 2.04 -54.46
N VAL C 226 26.68 1.51 -53.27
CA VAL C 226 25.63 1.07 -52.36
C VAL C 226 25.36 2.05 -51.22
N VAL C 227 24.09 2.24 -50.90
CA VAL C 227 23.69 3.10 -49.81
C VAL C 227 22.76 2.36 -48.85
N LEU C 228 22.87 2.68 -47.56
CA LEU C 228 22.13 1.94 -46.54
C LEU C 228 21.29 2.86 -45.66
N ARG C 229 20.02 3.03 -46.02
CA ARG C 229 19.09 3.78 -45.19
C ARG C 229 18.21 2.83 -44.41
N SER C 230 18.18 3.00 -43.09
CA SER C 230 17.53 2.07 -42.18
C SER C 230 18.04 0.64 -42.40
N LYS C 231 17.15 -0.30 -42.68
CA LYS C 231 17.55 -1.66 -42.99
C LYS C 231 17.53 -1.87 -44.50
N GLN C 232 16.96 -0.90 -45.21
CA GLN C 232 16.84 -0.96 -46.66
C GLN C 232 18.19 -0.76 -47.34
N LEU C 233 18.43 -1.53 -48.39
CA LEU C 233 19.67 -1.41 -49.15
C LEU C 233 19.35 -1.02 -50.59
N ASN C 234 19.99 0.03 -51.07
CA ASN C 234 19.75 0.51 -52.43
C ASN C 234 20.99 0.42 -53.31
N PHE C 235 20.80 0.15 -54.59
CA PHE C 235 21.93 -0.01 -55.50
C PHE C 235 21.97 1.05 -56.60
N TYR C 236 23.08 1.78 -56.65
CA TYR C 236 23.30 2.78 -57.70
C TYR C 236 24.68 2.58 -58.29
N ALA C 237 24.98 3.33 -59.35
CA ALA C 237 26.29 3.33 -59.94
C ALA C 237 26.84 4.76 -59.96
N GLU C 238 28.05 4.93 -59.43
CA GLU C 238 28.76 6.21 -59.46
C GLU C 238 28.13 7.29 -58.59
N LYS C 239 27.15 6.91 -57.76
CA LYS C 239 26.52 7.84 -56.83
C LYS C 239 25.59 8.86 -57.52
N GLY C 240 25.79 9.05 -58.80
CA GLY C 240 24.94 9.95 -59.58
C GLY C 240 24.14 9.21 -60.64
N GLY C 241 24.39 7.91 -60.76
CA GLY C 241 23.79 7.11 -61.82
C GLY C 241 22.35 6.74 -61.56
N GLN C 242 21.67 6.33 -62.63
CA GLN C 242 20.26 5.96 -62.53
C GLN C 242 20.09 4.76 -61.60
N TYR C 243 18.96 4.73 -60.91
CA TYR C 243 18.65 3.71 -59.91
C TYR C 243 18.69 2.30 -60.49
N LEU C 244 19.41 1.41 -59.84
CA LEU C 244 19.46 0.00 -60.25
C LEU C 244 18.35 -0.80 -59.57
N ASP C 245 18.52 -1.13 -58.30
CA ASP C 245 17.50 -1.89 -57.56
C ASP C 245 17.66 -1.72 -56.05
N THR C 246 16.70 -2.24 -55.31
CA THR C 246 16.75 -2.22 -53.85
C THR C 246 16.90 -3.63 -53.25
N PHE C 247 17.02 -3.70 -51.93
CA PHE C 247 17.18 -4.97 -51.22
C PHE C 247 16.85 -4.79 -49.75
N GLN C 248 15.71 -5.34 -49.33
CA GLN C 248 15.31 -5.28 -47.93
C GLN C 248 15.82 -6.52 -47.18
N LEU C 249 16.96 -6.38 -46.51
CA LEU C 249 17.56 -7.49 -45.79
C LEU C 249 16.73 -7.90 -44.57
N SER C 250 16.72 -9.18 -44.26
CA SER C 250 15.90 -9.70 -43.17
C SER C 250 16.44 -9.29 -41.80
N LYS C 251 15.54 -9.23 -40.82
CA LYS C 251 15.92 -8.91 -39.45
C LYS C 251 16.00 -10.20 -38.65
N THR C 252 15.72 -11.32 -39.31
CA THR C 252 15.72 -12.63 -38.66
C THR C 252 17.11 -13.24 -38.59
N VAL C 253 17.86 -13.13 -39.68
CA VAL C 253 19.20 -13.70 -39.75
C VAL C 253 20.27 -12.65 -40.02
N VAL C 254 21.39 -12.75 -39.32
CA VAL C 254 22.48 -11.79 -39.48
C VAL C 254 23.29 -12.04 -40.74
N SER C 255 23.95 -11.00 -41.23
CA SER C 255 24.80 -11.13 -42.41
C SER C 255 26.12 -11.81 -42.05
N ILE C 256 26.52 -12.77 -42.87
CA ILE C 256 27.71 -13.58 -42.59
C ILE C 256 28.83 -13.28 -43.60
N PRO C 257 30.06 -13.13 -43.10
CA PRO C 257 31.22 -12.97 -43.99
C PRO C 257 31.52 -14.25 -44.75
N MET C 258 32.35 -14.17 -45.77
CA MET C 258 32.68 -15.35 -46.58
C MET C 258 34.05 -15.91 -46.23
N VAL C 259 34.25 -17.19 -46.51
CA VAL C 259 35.52 -17.85 -46.26
C VAL C 259 36.05 -18.51 -47.53
N ASN C 260 35.13 -18.84 -48.44
CA ASN C 260 35.49 -19.44 -49.72
C ASN C 260 35.03 -18.57 -50.88
N PHE C 261 35.96 -18.16 -51.73
CA PHE C 261 35.66 -17.25 -52.82
C PHE C 261 35.87 -17.91 -54.17
N SER C 262 35.12 -17.43 -55.17
CA SER C 262 35.27 -17.94 -56.53
C SER C 262 36.63 -17.54 -57.09
N GLU C 263 37.14 -18.33 -58.04
CA GLU C 263 38.41 -18.03 -58.67
C GLU C 263 38.27 -16.83 -59.60
N ALA C 264 37.06 -16.61 -60.10
CA ALA C 264 36.78 -15.50 -60.99
C ALA C 264 36.68 -14.18 -60.21
N VAL C 265 36.24 -14.27 -58.96
CA VAL C 265 36.11 -13.07 -58.12
C VAL C 265 37.41 -12.77 -57.39
N SER C 266 38.24 -13.79 -57.21
CA SER C 266 39.54 -13.62 -56.57
C SER C 266 40.57 -13.16 -57.59
N ASN C 267 40.15 -13.15 -58.85
CA ASN C 267 41.00 -12.71 -59.94
C ASN C 267 40.86 -11.20 -60.18
N LEU C 268 39.96 -10.58 -59.43
CA LEU C 268 39.74 -9.13 -59.54
C LEU C 268 40.31 -8.41 -58.33
N GLY C 269 41.02 -9.14 -57.48
CA GLY C 269 41.63 -8.57 -56.30
C GLY C 269 40.68 -8.45 -55.13
N LEU C 270 39.57 -9.20 -55.18
CA LEU C 270 38.59 -9.20 -54.11
C LEU C 270 38.97 -10.21 -53.03
N VAL C 271 39.35 -9.70 -51.85
CA VAL C 271 39.86 -10.55 -50.78
C VAL C 271 38.76 -11.03 -49.83
N ALA C 272 37.91 -10.11 -49.39
CA ALA C 272 36.85 -10.44 -48.44
C ALA C 272 35.47 -10.38 -49.07
N GLY C 273 34.49 -11.02 -48.43
CA GLY C 273 33.15 -11.07 -48.97
C GLY C 273 32.06 -11.00 -47.91
N ILE C 274 30.82 -10.77 -48.35
CA ILE C 274 29.67 -10.67 -47.45
C ILE C 274 28.43 -11.32 -48.06
N LEU C 275 27.83 -12.24 -47.29
CA LEU C 275 26.59 -12.89 -47.70
C LEU C 275 25.40 -12.38 -46.88
N ALA C 276 24.40 -11.84 -47.56
CA ALA C 276 23.23 -11.28 -46.89
C ALA C 276 21.93 -11.91 -47.36
N THR C 277 20.94 -11.97 -46.46
CA THR C 277 19.66 -12.58 -46.79
C THR C 277 18.51 -11.59 -46.59
N SER C 278 17.66 -11.47 -47.60
CA SER C 278 16.51 -10.57 -47.52
C SER C 278 15.37 -11.20 -46.74
N VAL C 279 14.31 -10.43 -46.52
CA VAL C 279 13.11 -10.93 -45.86
C VAL C 279 12.37 -11.86 -46.80
N ASP C 280 12.63 -11.70 -48.10
CA ASP C 280 11.95 -12.49 -49.13
C ASP C 280 12.77 -13.72 -49.52
N ARG C 281 13.64 -14.15 -48.61
CA ARG C 281 14.48 -15.32 -48.82
C ARG C 281 15.44 -15.19 -50.00
N ARG C 282 15.60 -13.98 -50.52
CA ARG C 282 16.54 -13.73 -51.61
C ARG C 282 17.94 -13.45 -51.07
N HIS C 283 18.95 -14.03 -51.71
CA HIS C 283 20.33 -13.83 -51.28
C HIS C 283 21.10 -12.94 -52.25
N VAL C 284 22.19 -12.36 -51.76
CA VAL C 284 23.06 -11.53 -52.59
C VAL C 284 24.50 -11.58 -52.06
N GLN C 285 25.45 -11.62 -52.98
CA GLN C 285 26.86 -11.69 -52.60
C GLN C 285 27.56 -10.35 -52.81
N LEU C 286 28.26 -9.88 -51.79
CA LEU C 286 29.02 -8.65 -51.87
C LEU C 286 30.50 -8.89 -51.60
N PHE C 287 31.36 -8.26 -52.39
CA PHE C 287 32.79 -8.46 -52.27
C PHE C 287 33.55 -7.13 -52.14
N ALA C 288 34.77 -7.21 -51.63
CA ALA C 288 35.62 -6.03 -51.50
C ALA C 288 37.08 -6.41 -51.63
N ASP C 289 37.94 -5.41 -51.87
CA ASP C 289 39.36 -5.67 -52.00
C ASP C 289 40.08 -5.55 -50.66
N SER C 290 39.32 -5.32 -49.60
CA SER C 290 39.89 -5.15 -48.27
C SER C 290 39.10 -5.90 -47.20
N LYS C 291 39.79 -6.29 -46.13
CA LYS C 291 39.15 -6.95 -45.01
C LYS C 291 38.46 -5.93 -44.12
N LYS C 292 39.08 -4.77 -43.96
CA LYS C 292 38.55 -3.71 -43.12
C LYS C 292 37.21 -3.19 -43.64
N VAL C 293 37.05 -3.20 -44.96
CA VAL C 293 35.83 -2.69 -45.58
C VAL C 293 34.61 -3.56 -45.26
N CYS C 294 34.78 -4.87 -45.36
CA CYS C 294 33.68 -5.79 -45.08
C CYS C 294 33.29 -5.78 -43.60
N GLN C 295 34.28 -5.68 -42.72
CA GLN C 295 34.03 -5.60 -41.29
C GLN C 295 33.25 -4.34 -40.97
N LYS C 296 33.52 -3.26 -41.72
CA LYS C 296 32.81 -2.01 -41.55
C LYS C 296 31.35 -2.15 -41.99
N TRP C 297 31.14 -2.88 -43.08
CA TRP C 297 29.80 -3.09 -43.60
C TRP C 297 28.98 -4.03 -42.71
N LEU C 298 29.58 -5.13 -42.28
CA LEU C 298 28.91 -6.09 -41.42
C LEU C 298 28.47 -5.46 -40.10
N GLN C 299 29.35 -4.65 -39.53
CA GLN C 299 29.10 -4.02 -38.23
C GLN C 299 27.90 -3.08 -38.26
N VAL C 300 27.58 -2.56 -39.44
CA VAL C 300 26.50 -1.58 -39.56
C VAL C 300 25.21 -2.20 -40.13
N MET C 301 25.34 -3.30 -40.86
CA MET C 301 24.16 -3.95 -41.43
C MET C 301 23.64 -5.06 -40.52
N ASN C 302 24.39 -5.35 -39.47
CA ASN C 302 23.97 -6.33 -38.47
C ASN C 302 23.59 -5.66 -37.15
N SER C 303 23.87 -4.37 -37.06
CA SER C 303 23.55 -3.60 -35.87
C SER C 303 22.05 -3.39 -35.72
N ARG C 304 21.60 -3.24 -34.48
CA ARG C 304 20.20 -2.98 -34.21
C ARG C 304 19.98 -1.48 -34.03
N SER C 305 18.71 -1.08 -33.94
CA SER C 305 18.36 0.33 -33.78
C SER C 305 18.93 0.91 -32.50
N PHE C 306 19.15 0.05 -31.50
CA PHE C 306 19.69 0.50 -30.23
C PHE C 306 20.83 -0.40 -29.75
N ALA C 307 21.86 0.22 -29.17
CA ALA C 307 22.98 -0.52 -28.60
C ALA C 307 23.08 -0.26 -27.11
N LEU C 308 23.88 -1.07 -26.43
CA LEU C 308 23.98 -0.97 -24.98
C LEU C 308 25.39 -0.64 -24.52
N ASP C 309 25.48 0.29 -23.57
CA ASP C 309 26.75 0.60 -22.93
C ASP C 309 27.29 -0.66 -22.27
N ARG C 310 28.61 -0.75 -22.14
CA ARG C 310 29.24 -1.95 -21.61
C ARG C 310 29.16 -2.00 -20.09
N GLY C 311 28.96 -0.84 -19.49
CA GLY C 311 28.90 -0.73 -18.04
C GLY C 311 27.50 -0.70 -17.51
N THR C 312 26.69 -1.67 -17.93
CA THR C 312 25.29 -1.72 -17.52
C THR C 312 25.05 -2.80 -16.49
N GLU C 313 25.41 -4.04 -16.82
CA GLU C 313 25.18 -5.19 -15.95
C GLU C 313 23.71 -5.34 -15.58
N LYS C 314 22.84 -5.06 -16.54
CA LYS C 314 21.40 -5.16 -16.34
C LYS C 314 20.78 -6.08 -17.40
N LEU C 315 20.02 -7.07 -16.95
CA LEU C 315 19.38 -8.01 -17.86
C LEU C 315 18.25 -7.36 -18.66
N TRP C 316 17.52 -6.47 -18.01
CA TRP C 316 16.32 -5.89 -18.62
C TRP C 316 16.67 -4.93 -19.76
N LEU C 317 17.80 -4.25 -19.64
CA LEU C 317 18.25 -3.33 -20.67
C LEU C 317 18.70 -4.09 -21.93
N GLN C 318 19.20 -5.32 -21.73
CA GLN C 318 19.60 -6.17 -22.84
C GLN C 318 18.38 -6.74 -23.55
N GLU C 319 17.37 -7.12 -22.77
CA GLU C 319 16.12 -7.64 -23.32
C GLU C 319 15.39 -6.57 -24.14
N TYR C 320 15.40 -5.34 -23.62
CA TYR C 320 14.77 -4.22 -24.29
C TYR C 320 15.44 -3.92 -25.64
N VAL C 321 16.77 -3.93 -25.65
CA VAL C 321 17.53 -3.73 -26.89
C VAL C 321 17.22 -4.85 -27.88
N ASN C 322 17.18 -6.08 -27.38
CA ASN C 322 16.87 -7.26 -28.20
C ASN C 322 15.42 -7.26 -28.70
N PHE C 323 14.58 -6.43 -28.08
CA PHE C 323 13.19 -6.32 -28.47
C PHE C 323 13.02 -5.29 -29.60
N MET C 324 13.97 -4.36 -29.68
CA MET C 324 13.92 -3.31 -30.68
C MET C 324 14.96 -3.55 -31.79
#